data_9BOF
#
_entry.id   9BOF
#
_cell.length_a   1.00
_cell.length_b   1.00
_cell.length_c   1.00
_cell.angle_alpha   90.00
_cell.angle_beta   90.00
_cell.angle_gamma   90.00
#
_symmetry.space_group_name_H-M   'P 1'
#
loop_
_entity.id
_entity.type
_entity.pdbx_description
1 polymer 'Capsid protein VP1'
2 polymer '16E10 Light Chain'
3 polymer '16E10 Heavy Chain'
#
loop_
_entity_poly.entity_id
_entity_poly.type
_entity_poly.pdbx_seq_one_letter_code
_entity_poly.pdbx_strand_id
1 'polypeptide(L)'
;GPKTRPFTLPNLPLSSLSNSRAPLPISSIGISPDNVQSVQFQNGRCTLDGRLVGTTPVSLSHVAKIRGTSNGTVINLTEL
DGTPFHPFEGPAPIGFPDLGGCDWHINMTQFGHSSQTQYDVDTTPDTFVPHLGSIQANGIGSGNYVGVLSWISPPSHPSG
SQVDLWKIPNYGSSITEATHLAPSVYPPGFGEVLVFFMSKMPGPGAYNLPCLLPQEYISHLASEQAPTVGEAALLHYVDP
DTGRNLGEFKAYPDGFLTCVPNGASSGPQQLPINGVFVFVSWVSRFYQLKPVGT
;
A,B
2 'polypeptide(L)'
;DIVMSQSPVSLPVTPGEPASISCRSSQSLLHSNGYNYVDWYLQKPGQSPQLLLYLGSNRAAGVPDRFSGSGSGTDFTLKI
SRVEAEDVGVYYCMQALQTPYTFGQGTKLDIKRTVAAPSVFIFPPSDEQLKSGTASVVCLLNNFYPREAKVQWKVDNALQ
SGNSQESVTEQDSKDSTYSLSSTLTLSKADYEKHKVYACEVTHQGLSSPVTKSFNRGEC
;
C,H
3 'polypeptide(L)'
;VQLLESGGALVHPGGSLRLSCAASGFTFSSSSFSWVRQAPGKGLEWVSGINPSGHDTYYADSVKGRFTISRDNSKDTLFL
EMNSLRAEDTAQYYCAKKIDFPFRGGRRYSDSRPYNTGSLDSWGQGTLVTVSSASTKGPSVFPLAPSSKSTSGGTAALGC
LVKDYFPEPVTVSWNSGALTSGVHTFPAVLQSSGLYSLSSVVTVPSSSLGTQTYICNVNHKPSNTKVDKKV
;
E,G
#
# COMPACT_ATOMS: atom_id res chain seq x y z
N PRO A 6 1.41 14.74 19.42
CA PRO A 6 2.64 15.34 18.93
C PRO A 6 2.81 15.05 17.48
N PHE A 7 3.40 15.93 16.69
CA PHE A 7 3.48 15.66 15.31
C PHE A 7 4.63 14.78 15.12
N THR A 8 4.44 13.76 14.31
CA THR A 8 5.43 12.73 14.08
C THR A 8 5.32 12.27 12.65
N LEU A 9 6.47 11.95 12.06
CA LEU A 9 6.56 11.30 10.78
C LEU A 9 6.99 9.86 11.00
N PRO A 10 6.60 8.94 10.11
CA PRO A 10 6.95 7.53 10.32
C PRO A 10 8.45 7.34 10.49
N ASN A 11 8.81 6.58 11.52
CA ASN A 11 10.21 6.27 11.79
C ASN A 11 10.60 5.01 11.01
N LEU A 12 10.45 5.09 9.71
CA LEU A 12 10.83 4.02 8.82
C LEU A 12 11.73 4.60 7.72
N PRO A 13 12.70 3.83 7.25
CA PRO A 13 13.52 4.30 6.14
C PRO A 13 12.69 4.59 4.90
N LEU A 14 13.17 5.55 4.11
CA LEU A 14 12.46 5.91 2.89
C LEU A 14 12.48 4.78 1.89
N SER A 15 13.52 3.95 1.91
CA SER A 15 13.58 2.80 1.05
C SER A 15 12.45 1.83 1.32
N SER A 16 11.87 1.89 2.50
CA SER A 16 10.84 0.98 2.97
CA SER A 16 10.84 0.95 2.90
C SER A 16 9.44 1.52 2.77
N LEU A 17 9.29 2.77 2.37
CA LEU A 17 7.99 3.39 2.22
C LEU A 17 7.57 3.35 0.76
N SER A 18 6.47 4.02 0.45
CA SER A 18 5.87 3.96 -0.87
C SER A 18 5.56 5.35 -1.39
N ASN A 19 5.57 5.47 -2.71
CA ASN A 19 5.13 6.68 -3.36
C ASN A 19 3.63 6.85 -3.17
N SER A 20 3.19 8.10 -3.22
CA SER A 20 1.80 8.43 -2.95
C SER A 20 0.96 8.58 -4.20
N ARG A 21 1.58 8.59 -5.37
CA ARG A 21 0.85 8.70 -6.62
C ARG A 21 0.80 7.39 -7.38
N ALA A 22 1.53 6.37 -6.93
CA ALA A 22 1.49 5.05 -7.51
C ALA A 22 1.99 4.07 -6.46
N PRO A 23 1.53 2.82 -6.50
CA PRO A 23 1.95 1.86 -5.46
C PRO A 23 3.35 1.31 -5.67
N LEU A 24 4.37 2.11 -5.39
CA LEU A 24 5.73 1.77 -5.76
C LEU A 24 6.69 2.15 -4.65
N PRO A 25 7.81 1.45 -4.55
CA PRO A 25 8.81 1.81 -3.53
C PRO A 25 9.55 3.08 -3.90
N ILE A 26 9.99 3.80 -2.88
CA ILE A 26 10.71 5.06 -3.08
CA ILE A 26 10.70 5.05 -3.09
C ILE A 26 12.17 4.77 -3.39
N SER A 27 12.68 5.41 -4.44
CA SER A 27 14.03 5.17 -4.93
C SER A 27 14.98 6.34 -4.76
N SER A 28 14.49 7.59 -4.70
CA SER A 28 15.40 8.72 -4.55
C SER A 28 14.67 9.89 -3.90
N ILE A 29 15.43 10.88 -3.50
CA ILE A 29 14.94 12.20 -3.10
C ILE A 29 15.54 13.22 -4.06
N GLY A 30 14.72 14.08 -4.64
CA GLY A 30 15.22 14.94 -5.69
C GLY A 30 14.52 16.28 -5.72
N ILE A 31 14.87 17.07 -6.72
CA ILE A 31 14.29 18.40 -6.92
C ILE A 31 13.67 18.46 -8.30
N SER A 32 12.99 19.56 -8.56
CA SER A 32 12.28 19.73 -9.81
C SER A 32 13.18 20.37 -10.86
N PRO A 33 12.98 20.07 -12.14
CA PRO A 33 13.69 20.77 -13.20
C PRO A 33 13.41 22.26 -13.15
N ASP A 34 14.34 23.03 -13.69
CA ASP A 34 14.25 24.47 -13.53
C ASP A 34 13.09 25.08 -14.31
N ASN A 35 12.53 24.34 -15.27
CA ASN A 35 11.38 24.84 -16.01
C ASN A 35 10.08 24.72 -15.22
N VAL A 36 10.05 23.92 -14.17
CA VAL A 36 8.85 23.68 -13.39
C VAL A 36 9.00 24.44 -12.08
N GLN A 37 8.15 25.45 -11.90
CA GLN A 37 8.09 26.16 -10.63
C GLN A 37 7.10 25.54 -9.66
N SER A 38 5.83 25.46 -10.04
CA SER A 38 4.80 24.90 -9.18
C SER A 38 4.31 23.58 -9.72
N VAL A 39 3.88 22.71 -8.80
CA VAL A 39 3.24 21.45 -9.14
C VAL A 39 1.90 21.41 -8.44
N GLN A 40 0.97 20.68 -9.04
CA GLN A 40 -0.41 20.65 -8.58
C GLN A 40 -0.90 19.22 -8.45
N PHE A 41 -0.10 18.38 -7.81
CA PHE A 41 -0.48 16.99 -7.62
C PHE A 41 -1.78 16.91 -6.83
N GLN A 42 -2.61 15.93 -7.16
CA GLN A 42 -3.84 15.69 -6.43
C GLN A 42 -3.71 14.53 -5.45
N ASN A 43 -3.04 13.46 -5.85
CA ASN A 43 -2.68 12.41 -4.92
C ASN A 43 -1.44 12.81 -4.17
N GLY A 44 -1.29 12.27 -2.97
CA GLY A 44 -0.15 12.64 -2.16
C GLY A 44 -0.30 14.00 -1.55
N ARG A 45 -1.52 14.41 -1.26
CA ARG A 45 -1.81 15.75 -0.75
C ARG A 45 -2.51 15.60 0.59
N CYS A 46 -1.73 15.44 1.64
CA CYS A 46 -2.27 15.41 2.99
C CYS A 46 -1.57 16.47 3.80
N THR A 47 -2.31 17.47 4.22
CA THR A 47 -1.76 18.52 5.04
C THR A 47 -1.16 17.93 6.31
N LEU A 48 -0.32 18.72 6.97
CA LEU A 48 0.34 18.24 8.19
C LEU A 48 -0.64 18.00 9.32
N ASP A 49 -1.89 18.43 9.19
CA ASP A 49 -2.91 18.10 10.16
C ASP A 49 -3.85 17.01 9.67
N GLY A 50 -3.49 16.32 8.61
CA GLY A 50 -4.18 15.11 8.23
C GLY A 50 -5.44 15.32 7.42
N ARG A 51 -5.62 16.48 6.83
CA ARG A 51 -6.80 16.78 6.03
C ARG A 51 -6.48 16.42 4.60
N LEU A 52 -6.94 15.26 4.16
CA LEU A 52 -6.67 14.77 2.82
C LEU A 52 -7.41 15.61 1.80
N VAL A 53 -6.70 16.13 0.82
CA VAL A 53 -7.28 17.00 -0.19
C VAL A 53 -6.94 16.47 -1.57
N GLY A 54 -7.80 16.79 -2.52
CA GLY A 54 -7.64 16.21 -3.84
C GLY A 54 -8.26 14.84 -3.86
N THR A 55 -7.56 13.90 -4.47
CA THR A 55 -8.00 12.52 -4.55
C THR A 55 -7.11 11.57 -3.77
N THR A 56 -6.55 12.03 -2.67
CA THR A 56 -5.59 11.22 -1.94
C THR A 56 -6.29 10.30 -0.96
N PRO A 57 -6.05 8.99 -1.03
CA PRO A 57 -6.63 8.08 -0.04
C PRO A 57 -5.68 7.90 1.13
N VAL A 58 -6.19 7.22 2.16
CA VAL A 58 -5.39 7.08 3.38
C VAL A 58 -4.49 5.86 3.29
N SER A 59 -4.84 4.89 2.47
CA SER A 59 -4.05 3.68 2.33
C SER A 59 -3.58 3.51 0.90
N LEU A 60 -2.49 2.76 0.75
CA LEU A 60 -1.95 2.48 -0.57
C LEU A 60 -2.82 1.50 -1.33
N SER A 61 -3.73 0.82 -0.65
CA SER A 61 -4.66 -0.07 -1.33
C SER A 61 -5.71 0.68 -2.13
N HIS A 62 -5.65 2.00 -2.13
CA HIS A 62 -6.54 2.82 -2.93
C HIS A 62 -5.80 3.72 -3.90
N VAL A 63 -4.49 3.89 -3.73
CA VAL A 63 -3.70 4.79 -4.56
C VAL A 63 -3.62 4.25 -5.97
N ALA A 64 -3.87 5.12 -6.95
CA ALA A 64 -3.78 4.78 -8.36
C ALA A 64 -4.66 3.60 -8.70
N LYS A 65 -5.87 3.60 -8.16
CA LYS A 65 -6.86 2.57 -8.44
C LYS A 65 -8.15 3.22 -8.88
N ILE A 66 -8.79 2.59 -9.85
CA ILE A 66 -10.09 3.04 -10.32
C ILE A 66 -11.06 1.86 -10.24
N ARG A 67 -12.27 2.14 -9.79
CA ARG A 67 -13.31 1.13 -9.76
C ARG A 67 -14.55 1.70 -10.40
N GLY A 68 -15.18 0.91 -11.26
CA GLY A 68 -16.38 1.42 -11.89
C GLY A 68 -16.99 0.39 -12.79
N THR A 69 -18.13 0.77 -13.35
CA THR A 69 -18.89 -0.10 -14.24
C THR A 69 -18.77 0.42 -15.65
N SER A 70 -18.26 -0.41 -16.54
CA SER A 70 -18.09 -0.03 -17.93
C SER A 70 -19.29 -0.50 -18.74
N ASN A 71 -19.85 0.41 -19.53
CA ASN A 71 -20.95 0.16 -20.43
C ASN A 71 -20.48 -0.29 -21.80
N GLY A 72 -19.17 -0.51 -21.96
CA GLY A 72 -18.58 -0.73 -23.26
C GLY A 72 -18.10 0.52 -23.95
N THR A 73 -18.66 1.68 -23.59
CA THR A 73 -18.28 2.96 -24.16
C THR A 73 -17.75 3.93 -23.13
N VAL A 74 -18.24 3.84 -21.89
CA VAL A 74 -17.81 4.71 -20.81
C VAL A 74 -17.73 3.90 -19.53
N ILE A 75 -16.66 4.14 -18.77
CA ILE A 75 -16.54 3.63 -17.42
C ILE A 75 -17.16 4.68 -16.51
N ASN A 76 -18.33 4.35 -15.98
CA ASN A 76 -18.96 5.12 -14.92
C ASN A 76 -18.22 4.82 -13.64
N LEU A 77 -17.45 5.79 -13.17
CA LEU A 77 -16.61 5.59 -12.02
C LEU A 77 -17.44 5.58 -10.76
N THR A 78 -17.05 4.74 -9.82
CA THR A 78 -17.61 4.70 -8.49
C THR A 78 -16.45 4.92 -7.54
N GLU A 79 -16.74 5.03 -6.25
CA GLU A 79 -15.66 4.92 -5.30
C GLU A 79 -15.23 3.47 -5.20
N LEU A 80 -14.05 3.26 -4.63
CA LEU A 80 -13.48 1.92 -4.60
CA LEU A 80 -13.47 1.93 -4.59
C LEU A 80 -14.26 0.98 -3.69
N ASP A 81 -15.08 1.52 -2.80
CA ASP A 81 -15.92 0.69 -1.95
C ASP A 81 -17.19 0.24 -2.66
N GLY A 82 -17.39 0.64 -3.91
CA GLY A 82 -18.52 0.24 -4.69
C GLY A 82 -19.64 1.26 -4.73
N THR A 83 -19.61 2.23 -3.84
CA THR A 83 -20.67 3.20 -3.76
C THR A 83 -20.50 4.28 -4.84
N PRO A 84 -21.57 4.96 -5.23
CA PRO A 84 -21.47 5.88 -6.37
C PRO A 84 -20.61 7.09 -6.04
N PHE A 85 -20.14 7.77 -7.07
CA PHE A 85 -19.24 8.90 -6.92
C PHE A 85 -19.96 10.20 -7.24
N HIS A 86 -19.80 11.18 -6.36
CA HIS A 86 -20.33 12.50 -6.62
C HIS A 86 -19.19 13.49 -6.79
N PRO A 87 -19.29 14.40 -7.75
CA PRO A 87 -18.22 15.39 -7.93
C PRO A 87 -17.94 16.22 -6.70
N PHE A 88 -18.66 15.99 -5.60
CA PHE A 88 -18.59 16.85 -4.43
C PHE A 88 -17.28 16.73 -3.69
N GLU A 89 -16.60 15.59 -3.80
CA GLU A 89 -15.44 15.36 -2.94
C GLU A 89 -14.22 16.10 -3.46
N GLY A 90 -13.72 15.68 -4.61
CA GLY A 90 -12.59 16.30 -5.24
C GLY A 90 -12.73 16.19 -6.73
N PRO A 91 -11.63 16.27 -7.47
CA PRO A 91 -11.73 16.28 -8.92
C PRO A 91 -12.09 14.94 -9.54
N ALA A 92 -12.06 13.87 -8.77
CA ALA A 92 -12.25 12.53 -9.31
C ALA A 92 -12.46 11.59 -8.14
N PRO A 93 -12.83 10.33 -8.34
CA PRO A 93 -12.97 9.43 -7.20
C PRO A 93 -11.68 9.31 -6.41
N ILE A 94 -11.82 8.96 -5.14
CA ILE A 94 -10.67 8.91 -4.24
C ILE A 94 -9.68 7.87 -4.71
N GLY A 95 -8.42 8.25 -4.81
CA GLY A 95 -7.38 7.38 -5.30
C GLY A 95 -7.18 7.41 -6.79
N PHE A 96 -7.83 8.33 -7.50
CA PHE A 96 -7.71 8.37 -8.94
C PHE A 96 -6.28 8.74 -9.33
N PRO A 97 -5.75 8.14 -10.39
CA PRO A 97 -4.37 8.43 -10.79
C PRO A 97 -4.14 9.90 -11.13
N ASP A 98 -2.96 10.39 -10.75
CA ASP A 98 -2.60 11.80 -10.77
C ASP A 98 -1.44 12.09 -11.71
N LEU A 99 -1.24 11.26 -12.71
CA LEU A 99 -0.07 11.35 -13.54
C LEU A 99 -0.41 12.15 -14.80
N GLY A 100 0.13 13.35 -14.90
CA GLY A 100 -0.06 14.14 -16.08
C GLY A 100 1.08 14.00 -17.06
N GLY A 101 0.80 14.33 -18.31
CA GLY A 101 1.83 14.22 -19.33
C GLY A 101 2.25 12.79 -19.62
N CYS A 102 1.34 11.84 -19.51
CA CYS A 102 1.68 10.45 -19.73
C CYS A 102 0.39 9.66 -19.88
N ASP A 103 0.49 8.55 -20.60
CA ASP A 103 -0.64 7.65 -20.78
C ASP A 103 -0.62 6.60 -19.70
N TRP A 104 -1.76 6.38 -19.05
CA TRP A 104 -1.85 5.38 -18.02
C TRP A 104 -2.09 4.02 -18.62
N HIS A 105 -1.65 3.00 -17.91
CA HIS A 105 -1.97 1.62 -18.24
C HIS A 105 -2.33 0.93 -16.94
N ILE A 106 -3.51 0.32 -16.90
CA ILE A 106 -4.14 -0.15 -15.68
C ILE A 106 -4.44 -1.63 -15.81
N ASN A 107 -4.09 -2.39 -14.79
CA ASN A 107 -4.46 -3.79 -14.71
C ASN A 107 -5.80 -3.91 -14.01
N MET A 108 -6.78 -4.50 -14.70
CA MET A 108 -8.17 -4.55 -14.26
C MET A 108 -8.54 -5.97 -13.91
N THR A 109 -9.20 -6.15 -12.76
CA THR A 109 -9.69 -7.42 -12.29
C THR A 109 -11.13 -7.25 -11.82
N GLN A 110 -11.77 -8.38 -11.52
CA GLN A 110 -13.13 -8.39 -11.04
C GLN A 110 -13.26 -9.37 -9.88
N PHE A 111 -14.11 -9.06 -8.91
CA PHE A 111 -14.46 -10.00 -7.86
C PHE A 111 -15.38 -11.06 -8.44
N GLY A 112 -14.99 -12.31 -8.34
CA GLY A 112 -15.81 -13.40 -8.80
C GLY A 112 -15.41 -13.96 -10.15
N HIS A 113 -14.49 -13.30 -10.86
CA HIS A 113 -14.07 -13.76 -12.18
C HIS A 113 -12.56 -13.91 -12.23
N SER A 114 -12.10 -14.39 -13.38
CA SER A 114 -10.69 -14.61 -13.69
C SER A 114 -10.19 -13.52 -14.62
N SER A 115 -9.01 -13.76 -15.18
CA SER A 115 -8.57 -13.08 -16.40
C SER A 115 -8.39 -11.57 -16.28
N GLN A 116 -7.36 -11.12 -15.57
CA GLN A 116 -6.99 -9.72 -15.56
C GLN A 116 -6.86 -9.20 -16.99
N THR A 117 -7.12 -7.90 -17.16
CA THR A 117 -7.18 -7.30 -18.49
C THR A 117 -6.47 -5.94 -18.47
N GLN A 118 -5.84 -5.60 -19.59
CA GLN A 118 -5.11 -4.35 -19.71
C GLN A 118 -6.06 -3.25 -20.16
N TYR A 119 -5.95 -2.08 -19.53
CA TYR A 119 -6.79 -0.93 -19.83
C TYR A 119 -5.87 0.26 -20.10
N ASP A 120 -5.81 0.70 -21.35
CA ASP A 120 -4.95 1.80 -21.75
C ASP A 120 -5.74 3.09 -21.72
N VAL A 121 -5.24 4.08 -20.99
CA VAL A 121 -5.96 5.31 -20.71
C VAL A 121 -5.18 6.48 -21.29
N ASP A 122 -5.81 7.24 -22.16
CA ASP A 122 -5.32 8.53 -22.60
C ASP A 122 -6.08 9.61 -21.84
N THR A 123 -5.34 10.52 -21.22
CA THR A 123 -5.93 11.48 -20.29
C THR A 123 -6.22 12.84 -20.93
N THR A 124 -5.89 13.03 -22.19
CA THR A 124 -6.16 14.26 -22.91
C THR A 124 -7.58 14.39 -23.50
N PRO A 125 -8.19 13.35 -24.06
CA PRO A 125 -9.40 13.55 -24.85
C PRO A 125 -10.56 14.15 -24.05
N ASP A 126 -11.57 14.58 -24.81
N ASP A 126 -11.57 14.58 -24.80
CA ASP A 126 -12.73 15.25 -24.25
CA ASP A 126 -12.72 15.26 -24.20
C ASP A 126 -13.58 14.33 -23.39
C ASP A 126 -13.60 14.33 -23.39
N THR A 127 -13.56 13.02 -23.66
CA THR A 127 -14.35 12.07 -22.91
C THR A 127 -13.70 11.68 -21.59
N PHE A 128 -12.49 12.15 -21.31
CA PHE A 128 -11.84 11.92 -20.03
C PHE A 128 -12.26 13.04 -19.10
N VAL A 129 -13.42 12.86 -18.47
CA VAL A 129 -13.95 13.87 -17.58
C VAL A 129 -14.19 13.21 -16.22
N PRO A 130 -13.13 12.86 -15.49
CA PRO A 130 -13.33 12.14 -14.24
C PRO A 130 -14.06 12.93 -13.19
N HIS A 131 -14.35 14.20 -13.45
CA HIS A 131 -15.11 14.98 -12.48
C HIS A 131 -16.60 14.69 -12.63
N LEU A 132 -17.04 14.42 -13.83
CA LEU A 132 -18.41 13.99 -14.07
C LEU A 132 -18.60 12.51 -13.83
N GLY A 133 -17.60 11.83 -13.25
CA GLY A 133 -17.74 10.44 -12.92
C GLY A 133 -17.74 9.51 -14.11
N SER A 134 -17.02 9.86 -15.17
CA SER A 134 -17.04 9.06 -16.37
C SER A 134 -15.74 9.22 -17.12
N ILE A 135 -15.06 8.11 -17.38
CA ILE A 135 -13.89 8.11 -18.25
C ILE A 135 -14.19 7.19 -19.41
N GLN A 136 -13.33 7.21 -20.41
CA GLN A 136 -13.57 6.41 -21.60
C GLN A 136 -13.21 4.96 -21.35
N ALA A 137 -13.99 4.05 -21.94
CA ALA A 137 -13.77 2.63 -21.70
C ALA A 137 -12.56 2.13 -22.48
N ASN A 138 -12.37 2.59 -23.71
CA ASN A 138 -11.22 2.25 -24.54
C ASN A 138 -11.08 0.74 -24.71
N GLY A 139 -12.21 0.07 -24.88
CA GLY A 139 -12.21 -1.35 -25.14
C GLY A 139 -12.47 -2.25 -23.96
N ILE A 140 -12.46 -1.71 -22.74
CA ILE A 140 -12.75 -2.53 -21.57
C ILE A 140 -14.20 -3.00 -21.65
N GLY A 141 -14.39 -4.32 -21.58
CA GLY A 141 -15.72 -4.88 -21.69
C GLY A 141 -16.64 -4.41 -20.58
N SER A 142 -17.92 -4.73 -20.75
CA SER A 142 -18.92 -4.33 -19.77
C SER A 142 -18.63 -4.97 -18.42
N GLY A 143 -19.01 -4.28 -17.35
CA GLY A 143 -18.97 -4.92 -16.05
C GLY A 143 -18.28 -4.06 -15.03
N ASN A 144 -18.32 -4.53 -13.78
CA ASN A 144 -17.72 -3.83 -12.66
C ASN A 144 -16.28 -4.27 -12.51
N TYR A 145 -15.37 -3.31 -12.47
CA TYR A 145 -13.94 -3.57 -12.48
C TYR A 145 -13.24 -2.78 -11.40
N VAL A 146 -12.18 -3.37 -10.86
CA VAL A 146 -11.22 -2.67 -10.04
CA VAL A 146 -11.22 -2.68 -10.02
C VAL A 146 -9.86 -2.79 -10.71
N GLY A 147 -9.24 -1.66 -10.97
CA GLY A 147 -7.95 -1.65 -11.63
C GLY A 147 -6.95 -0.81 -10.87
N VAL A 148 -5.68 -1.17 -11.05
CA VAL A 148 -4.56 -0.48 -10.43
C VAL A 148 -3.58 -0.07 -11.52
N LEU A 149 -2.96 1.10 -11.33
CA LEU A 149 -1.96 1.57 -12.28
C LEU A 149 -0.75 0.66 -12.27
N SER A 150 -0.34 0.23 -13.45
CA SER A 150 0.79 -0.68 -13.61
CA SER A 150 0.79 -0.68 -13.59
CA SER A 150 0.79 -0.68 -13.61
C SER A 150 2.02 -0.01 -14.23
N TRP A 151 1.85 0.62 -15.38
CA TRP A 151 2.97 1.28 -16.03
C TRP A 151 2.47 2.44 -16.87
N ILE A 152 3.39 3.32 -17.26
CA ILE A 152 3.06 4.53 -17.98
C ILE A 152 3.86 4.60 -19.27
N SER A 153 3.53 5.60 -20.07
CA SER A 153 3.98 5.66 -21.46
C SER A 153 3.98 7.12 -21.89
N PRO A 154 4.64 7.43 -23.00
CA PRO A 154 4.54 8.78 -23.54
C PRO A 154 3.13 9.07 -24.00
N PRO A 155 2.66 10.30 -23.84
CA PRO A 155 1.26 10.61 -24.14
C PRO A 155 0.95 10.44 -25.61
N SER A 156 -0.33 10.22 -25.90
CA SER A 156 -0.73 10.05 -27.29
C SER A 156 -1.03 11.40 -27.94
N HIS A 157 -1.38 12.39 -27.14
CA HIS A 157 -1.59 13.75 -27.61
C HIS A 157 -1.06 14.74 -26.59
N PRO A 158 -0.27 15.74 -27.01
CA PRO A 158 0.16 15.94 -28.39
C PRO A 158 1.33 15.04 -28.75
N SER A 159 1.24 14.36 -29.87
CA SER A 159 2.29 13.42 -30.24
C SER A 159 3.61 14.13 -30.40
N GLY A 160 4.69 13.47 -30.01
CA GLY A 160 6.00 14.06 -29.99
C GLY A 160 6.43 14.59 -28.64
N SER A 161 5.51 14.80 -27.72
CA SER A 161 5.88 15.22 -26.37
C SER A 161 6.32 14.02 -25.56
N GLN A 162 7.30 14.24 -24.69
CA GLN A 162 7.82 13.17 -23.86
C GLN A 162 7.38 13.35 -22.41
N VAL A 163 7.57 12.29 -21.63
CA VAL A 163 6.93 12.17 -20.33
C VAL A 163 7.34 13.31 -19.43
N ASP A 164 6.35 13.98 -18.86
CA ASP A 164 6.52 15.12 -17.97
C ASP A 164 5.68 14.81 -16.76
N LEU A 165 6.23 14.09 -15.81
CA LEU A 165 5.38 13.72 -14.70
C LEU A 165 5.15 14.81 -13.77
N TRP A 166 5.44 16.04 -14.11
CA TRP A 166 5.22 17.16 -13.20
C TRP A 166 3.86 17.82 -13.39
N LYS A 167 3.06 17.33 -14.33
CA LYS A 167 1.74 17.87 -14.59
C LYS A 167 0.68 16.97 -13.96
N ILE A 168 -0.58 17.38 -14.10
CA ILE A 168 -1.71 16.55 -13.69
C ILE A 168 -2.68 16.47 -14.86
N PRO A 169 -3.50 15.43 -14.94
CA PRO A 169 -4.43 15.33 -16.07
C PRO A 169 -5.56 16.32 -15.96
N ASN A 170 -6.03 16.77 -17.12
CA ASN A 170 -7.20 17.63 -17.20
C ASN A 170 -8.39 16.83 -16.71
N TYR A 171 -8.92 17.20 -15.56
CA TYR A 171 -9.99 16.43 -14.94
C TYR A 171 -11.36 16.82 -15.48
N GLY A 172 -11.41 17.41 -16.66
CA GLY A 172 -12.68 17.89 -17.18
C GLY A 172 -13.13 19.09 -16.36
N SER A 173 -14.41 19.09 -15.99
CA SER A 173 -14.99 20.13 -15.13
C SER A 173 -14.69 21.52 -15.68
N SER A 174 -15.34 21.83 -16.80
CA SER A 174 -15.02 23.05 -17.55
C SER A 174 -15.59 24.28 -16.85
N ILE A 175 -15.66 25.39 -17.58
CA ILE A 175 -15.62 26.76 -17.07
C ILE A 175 -16.44 27.01 -15.81
N THR A 176 -17.71 26.62 -15.81
CA THR A 176 -18.62 27.08 -14.76
C THR A 176 -18.32 26.49 -13.39
N GLU A 177 -18.23 25.16 -13.32
CA GLU A 177 -18.16 24.44 -12.05
C GLU A 177 -16.92 24.80 -11.24
N ALA A 178 -16.99 24.58 -9.92
CA ALA A 178 -15.81 24.60 -9.07
C ALA A 178 -15.17 23.23 -9.15
N THR A 179 -13.89 23.18 -9.49
CA THR A 179 -13.22 21.93 -9.84
C THR A 179 -12.73 21.13 -8.65
N HIS A 180 -12.75 21.70 -7.45
CA HIS A 180 -12.26 21.04 -6.25
C HIS A 180 -10.81 20.58 -6.38
N LEU A 181 -10.11 21.08 -7.40
CA LEU A 181 -8.70 20.74 -7.56
C LEU A 181 -7.92 21.20 -6.36
N ALA A 182 -6.94 20.41 -5.96
CA ALA A 182 -6.06 20.85 -4.91
C ALA A 182 -5.29 22.09 -5.37
N PRO A 183 -5.07 23.06 -4.50
CA PRO A 183 -4.34 24.25 -4.90
C PRO A 183 -2.90 23.90 -5.25
N SER A 184 -2.32 24.69 -6.15
CA SER A 184 -0.93 24.52 -6.53
C SER A 184 -0.04 24.73 -5.32
N VAL A 185 1.10 24.05 -5.31
CA VAL A 185 2.11 24.24 -4.28
C VAL A 185 3.33 24.86 -4.94
N TYR A 186 3.80 25.95 -4.38
CA TYR A 186 4.89 26.73 -4.90
C TYR A 186 6.14 26.58 -4.04
N PRO A 187 7.32 26.76 -4.62
CA PRO A 187 8.50 27.00 -3.82
C PRO A 187 8.32 28.27 -3.02
N PRO A 188 8.42 28.15 -1.72
CA PRO A 188 8.26 29.22 -0.77
C PRO A 188 9.26 30.28 -1.03
N GLY A 189 9.53 30.49 -2.28
CA GLY A 189 10.49 31.50 -2.61
C GLY A 189 11.86 31.21 -2.05
N PHE A 190 12.34 32.12 -1.21
CA PHE A 190 13.66 32.18 -0.55
C PHE A 190 14.83 31.30 -0.91
N GLY A 191 15.07 31.09 -2.17
CA GLY A 191 16.12 30.24 -2.63
C GLY A 191 15.78 28.92 -2.11
N GLU A 192 14.59 28.44 -2.38
CA GLU A 192 14.18 27.18 -1.81
C GLU A 192 13.47 26.48 -2.82
N VAL A 193 13.76 25.24 -2.93
CA VAL A 193 13.15 24.49 -4.01
C VAL A 193 12.43 23.30 -3.41
N LEU A 194 11.40 22.85 -4.11
CA LEU A 194 10.58 21.77 -3.61
C LEU A 194 11.33 20.46 -3.70
N VAL A 195 11.04 19.56 -2.76
CA VAL A 195 11.70 18.26 -2.69
C VAL A 195 10.67 17.18 -2.99
N PHE A 196 11.02 16.26 -3.85
CA PHE A 196 10.10 15.26 -4.35
C PHE A 196 10.68 13.87 -4.12
N PHE A 197 9.84 12.99 -3.58
CA PHE A 197 10.19 11.59 -3.40
C PHE A 197 9.96 10.88 -4.73
N MET A 198 11.03 10.38 -5.32
CA MET A 198 11.00 9.83 -6.66
C MET A 198 10.98 8.32 -6.57
N SER A 199 9.97 7.73 -7.18
CA SER A 199 9.87 6.28 -7.30
C SER A 199 9.99 5.88 -8.76
N LYS A 200 10.65 4.78 -9.02
CA LYS A 200 10.80 4.33 -10.39
C LYS A 200 9.49 3.75 -10.89
N MET A 201 8.91 4.38 -11.87
CA MET A 201 7.73 3.83 -12.50
C MET A 201 8.13 2.91 -13.63
N PRO A 202 7.49 1.76 -13.79
CA PRO A 202 7.68 0.99 -15.01
C PRO A 202 7.17 1.77 -16.19
N GLY A 203 7.93 1.74 -17.27
CA GLY A 203 7.59 2.47 -18.46
C GLY A 203 8.79 2.60 -19.36
N PRO A 204 8.56 2.86 -20.62
CA PRO A 204 9.66 2.81 -21.59
C PRO A 204 10.66 3.93 -21.40
N GLY A 205 11.24 4.02 -20.21
CA GLY A 205 12.21 5.06 -19.93
C GLY A 205 12.44 5.15 -18.44
N ALA A 206 13.43 5.96 -18.09
CA ALA A 206 13.81 6.15 -16.69
C ALA A 206 12.83 7.10 -16.02
N TYR A 207 11.65 6.59 -15.74
CA TYR A 207 10.57 7.41 -15.19
C TYR A 207 10.72 7.48 -13.68
N ASN A 208 10.99 8.67 -13.20
CA ASN A 208 11.06 8.96 -11.77
C ASN A 208 9.82 9.75 -11.43
N LEU A 209 8.83 9.08 -10.85
CA LEU A 209 7.59 9.72 -10.46
C LEU A 209 7.81 10.49 -9.17
N PRO A 210 7.55 11.80 -9.14
CA PRO A 210 7.66 12.58 -7.91
C PRO A 210 6.37 12.62 -7.11
N CYS A 211 6.51 12.49 -5.81
CA CYS A 211 5.42 12.68 -4.89
C CYS A 211 5.87 13.59 -3.77
N LEU A 212 4.93 14.33 -3.20
CA LEU A 212 5.31 15.30 -2.19
C LEU A 212 5.53 14.63 -0.84
N LEU A 213 4.79 13.57 -0.54
CA LEU A 213 4.95 12.83 0.69
C LEU A 213 4.81 11.35 0.39
N PRO A 214 5.53 10.49 1.12
CA PRO A 214 5.27 9.05 1.01
C PRO A 214 3.88 8.72 1.53
N GLN A 215 3.34 7.59 1.09
CA GLN A 215 1.97 7.23 1.47
C GLN A 215 1.87 6.95 2.96
N GLU A 216 2.87 6.28 3.53
CA GLU A 216 2.84 6.01 4.96
C GLU A 216 2.87 7.30 5.75
N TYR A 217 3.55 8.32 5.24
CA TYR A 217 3.46 9.63 5.86
C TYR A 217 2.03 10.13 5.85
N ILE A 218 1.34 9.97 4.73
CA ILE A 218 -0.04 10.43 4.64
C ILE A 218 -0.91 9.71 5.65
N SER A 219 -0.75 8.41 5.77
CA SER A 219 -1.57 7.65 6.72
CA SER A 219 -1.55 7.64 6.72
C SER A 219 -1.23 8.04 8.15
N HIS A 220 0.03 8.31 8.43
CA HIS A 220 0.39 8.70 9.78
C HIS A 220 -0.17 10.08 10.13
N LEU A 221 -0.14 11.01 9.17
CA LEU A 221 -0.68 12.33 9.43
C LEU A 221 -2.20 12.31 9.50
N ALA A 222 -2.84 11.44 8.71
CA ALA A 222 -4.29 11.34 8.74
C ALA A 222 -4.78 10.67 10.01
N SER A 223 -4.09 9.63 10.45
CA SER A 223 -4.51 8.95 11.66
C SER A 223 -4.15 9.77 12.88
N GLU A 224 -3.09 10.58 12.78
CA GLU A 224 -2.65 11.32 13.95
C GLU A 224 -3.43 12.61 14.13
N GLN A 225 -3.67 13.34 13.04
CA GLN A 225 -4.41 14.60 13.06
C GLN A 225 -3.76 15.57 14.03
N ALA A 226 -2.53 15.94 13.71
CA ALA A 226 -1.76 16.83 14.55
C ALA A 226 -2.54 18.11 14.80
N PRO A 227 -2.91 18.40 16.02
CA PRO A 227 -3.72 19.59 16.28
C PRO A 227 -2.95 20.87 16.06
N THR A 228 -1.67 20.87 16.40
CA THR A 228 -0.87 22.09 16.41
C THR A 228 0.02 22.11 15.17
N VAL A 229 -0.13 23.14 14.36
CA VAL A 229 0.78 23.38 13.25
C VAL A 229 1.25 24.82 13.35
N GLY A 230 2.56 25.01 13.56
CA GLY A 230 3.18 26.31 13.40
C GLY A 230 3.21 26.72 11.95
N GLU A 231 4.18 27.56 11.60
CA GLU A 231 4.27 28.01 10.21
C GLU A 231 4.94 26.97 9.33
N ALA A 232 5.87 26.20 9.88
CA ALA A 232 6.57 25.15 9.15
C ALA A 232 7.22 24.21 10.14
N ALA A 233 7.62 23.04 9.66
CA ALA A 233 8.18 21.97 10.47
C ALA A 233 9.56 21.64 9.94
N LEU A 234 10.59 22.11 10.63
CA LEU A 234 11.96 21.80 10.24
C LEU A 234 12.24 20.33 10.49
N LEU A 235 12.67 19.64 9.44
CA LEU A 235 13.01 18.22 9.49
C LEU A 235 14.51 18.04 9.25
N HIS A 236 15.05 16.95 9.79
CA HIS A 236 16.38 16.47 9.44
C HIS A 236 16.23 15.08 8.87
N TYR A 237 17.16 14.71 8.01
CA TYR A 237 17.13 13.43 7.32
C TYR A 237 18.24 12.57 7.91
N VAL A 238 17.94 11.87 8.99
CA VAL A 238 18.94 11.18 9.79
C VAL A 238 19.23 9.83 9.17
N ASP A 239 20.52 9.46 9.17
CA ASP A 239 20.96 8.14 8.74
C ASP A 239 20.86 7.19 9.92
N PRO A 240 20.05 6.13 9.84
CA PRO A 240 19.75 5.36 11.04
C PRO A 240 20.91 4.54 11.55
N ASP A 241 21.77 4.03 10.67
CA ASP A 241 22.89 3.22 11.11
C ASP A 241 23.86 4.02 11.96
N THR A 242 24.09 5.28 11.61
CA THR A 242 25.11 6.09 12.28
C THR A 242 24.54 7.16 13.19
N GLY A 243 23.46 7.82 12.79
CA GLY A 243 22.90 8.88 13.59
C GLY A 243 23.39 10.27 13.26
N ARG A 244 23.96 10.48 12.09
CA ARG A 244 24.41 11.79 11.67
C ARG A 244 23.35 12.44 10.79
N ASN A 245 23.04 13.70 11.08
CA ASN A 245 22.12 14.46 10.25
C ASN A 245 22.71 14.67 8.87
N LEU A 246 21.90 14.50 7.84
CA LEU A 246 22.39 14.62 6.48
C LEU A 246 21.93 15.89 5.78
N GLY A 247 21.05 16.68 6.39
CA GLY A 247 20.63 17.91 5.77
C GLY A 247 19.22 18.30 6.14
N GLU A 248 18.98 19.59 6.35
CA GLU A 248 17.71 20.02 6.91
C GLU A 248 16.74 20.42 5.82
N PHE A 249 15.49 20.03 6.00
CA PHE A 249 14.37 20.33 5.13
C PHE A 249 13.34 21.08 5.94
N LYS A 250 12.31 21.61 5.28
CA LYS A 250 11.20 22.20 6.02
C LYS A 250 9.88 21.82 5.38
N ALA A 251 8.93 21.37 6.22
CA ALA A 251 7.61 20.95 5.80
C ALA A 251 6.62 22.09 6.02
N TYR A 252 5.99 22.51 4.98
CA TYR A 252 4.99 23.55 5.08
C TYR A 252 3.62 22.93 5.31
N PRO A 253 2.71 23.66 5.96
CA PRO A 253 1.46 23.05 6.40
C PRO A 253 0.60 22.47 5.28
N ASP A 254 0.81 22.88 4.03
CA ASP A 254 0.04 22.27 2.95
C ASP A 254 0.58 20.90 2.59
N GLY A 255 1.68 20.49 3.21
CA GLY A 255 2.08 19.11 3.10
C GLY A 255 3.17 18.85 2.09
N PHE A 256 4.20 19.70 2.09
CA PHE A 256 5.35 19.46 1.24
C PHE A 256 6.61 19.80 2.00
N LEU A 257 7.74 19.35 1.45
CA LEU A 257 9.06 19.62 1.99
C LEU A 257 9.84 20.46 1.00
N THR A 258 10.60 21.41 1.51
CA THR A 258 11.46 22.25 0.69
C THR A 258 12.83 22.32 1.30
N CYS A 259 13.82 22.59 0.45
CA CYS A 259 15.19 22.67 0.88
C CYS A 259 15.96 23.56 -0.08
N VAL A 260 17.07 24.10 0.39
CA VAL A 260 17.98 24.87 -0.45
C VAL A 260 19.12 23.94 -0.86
N PRO A 261 19.25 23.59 -2.13
CA PRO A 261 20.40 22.82 -2.56
C PRO A 261 21.66 23.66 -2.60
N ASN A 262 22.80 22.97 -2.70
CA ASN A 262 24.09 23.63 -2.78
C ASN A 262 24.69 23.66 -4.17
N GLY A 263 24.12 22.91 -5.12
CA GLY A 263 24.63 22.89 -6.48
C GLY A 263 23.73 22.12 -7.44
CA GLY A 267 21.92 18.87 -3.05
C GLY A 267 21.20 17.66 -2.50
N PRO A 268 19.86 17.70 -2.52
CA PRO A 268 19.10 16.57 -2.00
C PRO A 268 19.10 15.35 -2.90
N GLN A 269 19.50 15.48 -4.16
CA GLN A 269 19.69 14.29 -4.97
C GLN A 269 20.91 13.50 -4.53
N GLN A 270 21.78 14.10 -3.72
CA GLN A 270 22.98 13.44 -3.20
C GLN A 270 22.73 12.72 -1.89
N LEU A 271 21.53 12.74 -1.38
CA LEU A 271 21.29 12.08 -0.11
C LEU A 271 20.91 10.62 -0.34
N PRO A 272 21.26 9.74 0.58
CA PRO A 272 20.81 8.35 0.48
C PRO A 272 19.32 8.23 0.74
N ILE A 273 18.78 7.06 0.44
CA ILE A 273 17.34 6.81 0.62
C ILE A 273 17.06 5.98 1.86
N ASN A 274 18.08 5.52 2.56
CA ASN A 274 17.89 4.70 3.73
C ASN A 274 17.77 5.51 5.01
N GLY A 275 17.67 6.82 4.91
CA GLY A 275 17.51 7.65 6.07
C GLY A 275 16.08 7.70 6.56
N VAL A 276 15.86 8.54 7.57
CA VAL A 276 14.56 8.68 8.21
C VAL A 276 14.33 10.15 8.50
N PHE A 277 13.22 10.68 7.99
CA PHE A 277 12.83 12.05 8.29
C PHE A 277 12.32 12.12 9.71
N VAL A 278 13.11 12.69 10.60
CA VAL A 278 12.67 12.92 11.96
C VAL A 278 12.22 14.37 12.03
N PHE A 279 10.98 14.58 12.46
CA PHE A 279 10.48 15.92 12.71
C PHE A 279 11.31 16.58 13.79
N VAL A 280 12.04 17.62 13.41
CA VAL A 280 12.92 18.27 14.38
C VAL A 280 12.17 19.27 15.21
N SER A 281 11.56 20.27 14.56
CA SER A 281 10.93 21.32 15.35
C SER A 281 9.89 22.06 14.52
N TRP A 282 9.24 23.01 15.18
CA TRP A 282 8.38 23.99 14.51
C TRP A 282 9.12 25.30 14.33
N VAL A 283 9.24 25.74 13.07
CA VAL A 283 9.97 26.92 12.67
C VAL A 283 9.02 27.86 11.94
N SER A 284 9.43 29.12 11.85
CA SER A 284 8.72 30.06 11.01
C SER A 284 9.00 29.76 9.54
N ARG A 285 8.23 30.40 8.67
CA ARG A 285 8.37 30.09 7.25
C ARG A 285 9.47 30.94 6.61
N PHE A 286 10.12 31.77 7.40
CA PHE A 286 11.19 32.57 6.88
C PHE A 286 12.46 31.99 7.33
N TYR A 287 12.38 30.93 8.09
CA TYR A 287 13.56 30.32 8.68
C TYR A 287 14.52 29.87 7.60
N GLN A 288 15.79 30.24 7.75
CA GLN A 288 16.79 30.00 6.72
C GLN A 288 17.37 28.59 6.88
N LEU A 289 17.42 27.86 5.77
CA LEU A 289 17.91 26.49 5.77
C LEU A 289 19.39 26.47 5.42
N LYS A 290 20.12 25.52 6.00
CA LYS A 290 21.47 25.25 5.53
C LYS A 290 21.41 24.45 4.24
N PRO A 291 22.23 24.79 3.25
CA PRO A 291 22.27 24.01 2.01
C PRO A 291 22.50 22.53 2.27
N VAL A 292 22.00 21.71 1.35
CA VAL A 292 22.12 20.27 1.53
C VAL A 292 23.58 19.87 1.53
N GLY A 293 24.05 19.34 2.64
CA GLY A 293 25.46 19.04 2.83
C GLY A 293 26.07 19.84 3.96
N PRO B 6 3.67 5.20 23.58
CA PRO B 6 2.42 4.55 23.95
C PRO B 6 1.96 3.66 22.85
N PHE B 7 1.29 2.56 23.14
CA PHE B 7 0.93 1.68 22.08
C PHE B 7 -0.30 2.22 21.51
N THR B 8 -0.36 2.24 20.20
CA THR B 8 -1.47 2.84 19.48
C THR B 8 -1.67 2.04 18.21
N LEU B 9 -2.93 1.91 17.82
CA LEU B 9 -3.34 1.37 16.54
C LEU B 9 -3.85 2.51 15.67
N PRO B 10 -3.71 2.40 14.36
CA PRO B 10 -4.14 3.49 13.49
C PRO B 10 -5.59 3.89 13.73
N ASN B 11 -5.82 5.19 13.87
CA ASN B 11 -7.16 5.73 14.07
C ASN B 11 -7.80 5.99 12.72
N LEU B 12 -7.89 4.94 11.93
CA LEU B 12 -8.53 4.99 10.64
C LEU B 12 -9.56 3.88 10.57
N PRO B 13 -10.67 4.09 9.86
CA PRO B 13 -11.65 3.03 9.70
C PRO B 13 -11.05 1.84 8.97
N LEU B 14 -11.59 0.65 9.29
CA LEU B 14 -11.09 -0.56 8.66
C LEU B 14 -11.40 -0.59 7.18
N SER B 15 -12.48 0.07 6.78
CA SER B 15 -12.82 0.17 5.37
C SER B 15 -11.74 0.89 4.59
N SER B 16 -10.95 1.70 5.27
CA SER B 16 -9.93 2.55 4.67
CA SER B 16 -9.94 2.52 4.61
C SER B 16 -8.54 1.93 4.69
N LEU B 17 -8.38 0.80 5.35
CA LEU B 17 -7.09 0.17 5.48
C LEU B 17 -6.95 -0.95 4.45
N SER B 18 -5.88 -1.72 4.56
CA SER B 18 -5.55 -2.73 3.57
C SER B 18 -5.22 -4.05 4.23
N ASN B 19 -5.48 -5.11 3.50
CA ASN B 19 -5.06 -6.44 3.92
C ASN B 19 -3.54 -6.54 3.88
N SER B 20 -3.01 -7.43 4.70
CA SER B 20 -1.58 -7.56 4.86
C SER B 20 -0.97 -8.67 4.03
N ARG B 21 -1.80 -9.52 3.42
CA ARG B 21 -1.33 -10.59 2.58
C ARG B 21 -1.52 -10.32 1.10
N ALA B 22 -2.25 -9.26 0.76
CA ALA B 22 -2.44 -8.84 -0.62
C ALA B 22 -2.81 -7.36 -0.61
N PRO B 23 -2.49 -6.62 -1.65
CA PRO B 23 -2.78 -5.19 -1.65
C PRO B 23 -4.23 -4.86 -1.92
N LEU B 24 -5.10 -5.07 -0.95
CA LEU B 24 -6.54 -5.02 -1.17
C LEU B 24 -7.24 -4.33 -0.01
N PRO B 25 -8.38 -3.70 -0.26
CA PRO B 25 -9.12 -3.07 0.84
C PRO B 25 -9.81 -4.12 1.71
N ILE B 26 -9.98 -3.77 2.98
CA ILE B 26 -10.60 -4.67 3.94
CA ILE B 26 -10.60 -4.68 3.93
C ILE B 26 -12.11 -4.59 3.80
N SER B 27 -12.76 -5.75 3.73
CA SER B 27 -14.18 -5.85 3.51
C SER B 27 -14.98 -6.39 4.68
N SER B 28 -14.39 -7.20 5.56
CA SER B 28 -15.14 -7.74 6.68
C SER B 28 -14.20 -8.08 7.82
N ILE B 29 -14.79 -8.36 8.98
CA ILE B 29 -14.10 -8.96 10.12
C ILE B 29 -14.80 -10.27 10.42
N GLY B 30 -14.02 -11.35 10.55
CA GLY B 30 -14.64 -12.65 10.64
C GLY B 30 -13.84 -13.61 11.50
N ILE B 31 -14.30 -14.86 11.54
CA ILE B 31 -13.66 -15.92 12.29
C ILE B 31 -13.32 -17.06 11.36
N SER B 32 -12.59 -18.03 11.90
CA SER B 32 -12.13 -19.15 11.10
C SER B 32 -13.16 -20.27 11.10
N PRO B 33 -13.22 -21.06 10.03
CA PRO B 33 -14.08 -22.25 10.03
C PRO B 33 -13.65 -23.20 11.13
N ASP B 34 -14.60 -24.03 11.56
CA ASP B 34 -14.35 -24.85 12.73
C ASP B 34 -13.32 -25.94 12.47
N ASN B 35 -13.01 -26.24 11.21
CA ASN B 35 -11.99 -27.22 10.91
C ASN B 35 -10.58 -26.67 11.06
N VAL B 36 -10.41 -25.35 11.11
CA VAL B 36 -9.11 -24.71 11.19
C VAL B 36 -8.93 -24.20 12.61
N GLN B 37 -7.98 -24.79 13.32
CA GLN B 37 -7.62 -24.32 14.64
C GLN B 37 -6.53 -23.26 14.58
N SER B 38 -5.36 -23.61 14.05
CA SER B 38 -4.25 -22.70 13.97
C SER B 38 -3.98 -22.28 12.54
N VAL B 39 -3.47 -21.07 12.38
CA VAL B 39 -3.02 -20.57 11.09
C VAL B 39 -1.57 -20.14 11.24
N GLN B 40 -0.84 -20.19 10.13
CA GLN B 40 0.59 -19.95 10.14
C GLN B 40 0.97 -18.96 9.05
N PHE B 41 0.24 -17.86 8.97
CA PHE B 41 0.51 -16.85 7.97
C PHE B 41 1.93 -16.32 8.15
N GLN B 42 2.59 -16.01 7.03
CA GLN B 42 3.92 -15.41 7.08
C GLN B 42 3.87 -13.90 6.85
N ASN B 43 3.05 -13.45 5.91
CA ASN B 43 2.79 -12.04 5.77
C ASN B 43 1.74 -11.61 6.78
N GLY B 44 1.79 -10.34 7.15
CA GLY B 44 0.87 -9.88 8.16
C GLY B 44 1.25 -10.31 9.54
N ARG B 45 2.54 -10.47 9.80
CA ARG B 45 3.03 -10.97 11.07
C ARG B 45 3.96 -9.93 11.66
N CYS B 46 3.39 -8.97 12.36
CA CYS B 46 4.17 -7.97 13.07
C CYS B 46 3.73 -7.98 14.51
N THR B 47 4.63 -8.39 15.40
CA THR B 47 4.33 -8.40 16.81
C THR B 47 3.95 -7.00 17.27
N LEU B 48 3.32 -6.93 18.44
CA LEU B 48 2.87 -5.65 18.96
C LEU B 48 4.02 -4.73 19.31
N ASP B 49 5.26 -5.22 19.31
CA ASP B 49 6.41 -4.35 19.47
C ASP B 49 7.13 -4.11 18.17
N GLY B 50 6.51 -4.43 17.05
CA GLY B 50 7.02 -4.00 15.77
C GLY B 50 8.10 -4.85 15.17
N ARG B 51 8.27 -6.07 15.65
CA ARG B 51 9.30 -6.96 15.14
C ARG B 51 8.68 -7.80 14.03
N LEU B 52 8.95 -7.41 12.80
CA LEU B 52 8.37 -8.07 11.65
C LEU B 52 8.99 -9.46 11.48
N VAL B 53 8.13 -10.47 11.40
CA VAL B 53 8.59 -11.86 11.33
C VAL B 53 7.95 -12.52 10.11
N GLY B 54 8.63 -13.52 9.60
CA GLY B 54 8.18 -14.13 8.37
C GLY B 54 8.66 -13.31 7.19
N THR B 55 7.77 -13.10 6.23
CA THR B 55 8.07 -12.31 5.07
C THR B 55 7.26 -11.02 5.01
N THR B 56 6.97 -10.44 6.16
CA THR B 56 6.08 -9.27 6.18
C THR B 56 6.88 -8.00 5.96
N PRO B 57 6.53 -7.18 4.98
CA PRO B 57 7.19 -5.89 4.81
C PRO B 57 6.48 -4.80 5.58
N VAL B 58 7.10 -3.63 5.62
CA VAL B 58 6.55 -2.55 6.42
C VAL B 58 5.54 -1.74 5.62
N SER B 59 5.64 -1.77 4.30
CA SER B 59 4.74 -1.01 3.46
C SER B 59 3.98 -1.94 2.53
N LEU B 60 2.83 -1.46 2.07
CA LEU B 60 2.02 -2.23 1.14
C LEU B 60 2.63 -2.25 -0.24
N SER B 61 3.59 -1.37 -0.51
CA SER B 61 4.30 -1.39 -1.78
C SER B 61 5.23 -2.58 -1.92
N HIS B 62 5.29 -3.44 -0.91
CA HIS B 62 6.09 -4.65 -0.96
C HIS B 62 5.26 -5.90 -0.75
N VAL B 63 4.02 -5.76 -0.27
CA VAL B 63 3.16 -6.90 0.05
C VAL B 63 2.78 -7.62 -1.24
N ALA B 64 2.92 -8.94 -1.24
CA ALA B 64 2.52 -9.78 -2.35
C ALA B 64 3.21 -9.35 -3.63
N LYS B 65 4.50 -9.04 -3.53
CA LYS B 65 5.31 -8.68 -4.67
C LYS B 65 6.55 -9.55 -4.70
N ILE B 66 6.93 -9.94 -5.90
CA ILE B 66 8.16 -10.68 -6.11
C ILE B 66 9.02 -9.95 -7.14
N ARG B 67 10.32 -9.89 -6.88
CA ARG B 67 11.24 -9.31 -7.82
C ARG B 67 12.39 -10.29 -8.04
N GLY B 68 12.76 -10.47 -9.28
CA GLY B 68 13.86 -11.38 -9.53
C GLY B 68 14.19 -11.46 -10.99
N THR B 69 15.23 -12.22 -11.26
CA THR B 69 15.73 -12.40 -12.61
C THR B 69 15.37 -13.79 -13.09
N SER B 70 14.64 -13.88 -14.18
CA SER B 70 14.24 -15.17 -14.74
C SER B 70 15.22 -15.56 -15.82
N ASN B 71 15.69 -16.81 -15.73
CA ASN B 71 16.57 -17.43 -16.71
C ASN B 71 15.80 -18.13 -17.81
N GLY B 72 14.48 -18.00 -17.83
CA GLY B 72 13.63 -18.77 -18.70
C GLY B 72 13.15 -20.07 -18.09
N THR B 73 13.86 -20.60 -17.10
CA THR B 73 13.49 -21.82 -16.42
C THR B 73 13.26 -21.63 -14.94
N VAL B 74 13.97 -20.67 -14.32
CA VAL B 74 13.84 -20.39 -12.90
C VAL B 74 13.92 -18.89 -12.70
N ILE B 75 13.06 -18.37 -11.84
CA ILE B 75 13.15 -17.01 -11.34
C ILE B 75 14.03 -17.06 -10.12
N ASN B 76 15.25 -16.55 -10.24
CA ASN B 76 16.13 -16.31 -9.13
C ASN B 76 15.62 -15.08 -8.40
N LEU B 77 15.05 -15.29 -7.23
CA LEU B 77 14.42 -14.22 -6.50
C LEU B 77 15.48 -13.33 -5.88
N THR B 78 15.20 -12.05 -5.85
CA THR B 78 16.00 -11.06 -5.15
C THR B 78 15.07 -10.37 -4.16
N GLU B 79 15.62 -9.51 -3.34
CA GLU B 79 14.74 -8.62 -2.62
C GLU B 79 14.20 -7.57 -3.57
N LEU B 80 13.13 -6.90 -3.14
CA LEU B 80 12.46 -5.95 -4.02
CA LEU B 80 12.45 -5.94 -4.01
C LEU B 80 13.31 -4.73 -4.31
N ASP B 81 14.34 -4.47 -3.51
CA ASP B 81 15.26 -3.36 -3.76
C ASP B 81 16.32 -3.72 -4.79
N GLY B 82 16.31 -4.94 -5.30
CA GLY B 82 17.24 -5.38 -6.32
C GLY B 82 18.41 -6.17 -5.79
N THR B 83 18.63 -6.13 -4.49
CA THR B 83 19.78 -6.79 -3.91
C THR B 83 19.50 -8.28 -3.73
N PRO B 84 20.52 -9.12 -3.68
CA PRO B 84 20.30 -10.57 -3.67
C PRO B 84 19.62 -11.02 -2.38
N PHE B 85 19.01 -12.21 -2.43
CA PHE B 85 18.27 -12.75 -1.31
C PHE B 85 19.02 -13.89 -0.67
N HIS B 86 19.13 -13.85 0.66
CA HIS B 86 19.71 -14.96 1.39
C HIS B 86 18.65 -15.62 2.24
N PRO B 87 18.65 -16.95 2.32
CA PRO B 87 17.66 -17.64 3.16
C PRO B 87 17.69 -17.21 4.61
N PHE B 88 18.58 -16.31 4.98
CA PHE B 88 18.82 -15.96 6.38
C PHE B 88 17.67 -15.22 7.01
N GLU B 89 16.89 -14.49 6.21
CA GLU B 89 15.90 -13.59 6.79
C GLU B 89 14.67 -14.36 7.26
N GLY B 90 13.92 -14.91 6.32
CA GLY B 90 12.74 -15.69 6.61
C GLY B 90 12.60 -16.76 5.56
N PRO B 91 11.38 -17.27 5.37
CA PRO B 91 11.20 -18.38 4.45
C PRO B 91 11.31 -18.01 2.98
N ALA B 92 11.34 -16.73 2.66
CA ALA B 92 11.31 -16.28 1.28
C ALA B 92 11.65 -14.80 1.27
N PRO B 93 11.86 -14.18 0.11
CA PRO B 93 12.14 -12.74 0.12
C PRO B 93 11.02 -11.96 0.77
N ILE B 94 11.37 -10.78 1.27
CA ILE B 94 10.41 -9.98 2.02
C ILE B 94 9.26 -9.56 1.12
N GLY B 95 8.05 -9.76 1.60
CA GLY B 95 6.86 -9.47 0.83
C GLY B 95 6.37 -10.61 -0.04
N PHE B 96 6.95 -11.79 0.09
CA PHE B 96 6.57 -12.90 -0.76
C PHE B 96 5.13 -13.30 -0.46
N PRO B 97 4.35 -13.68 -1.48
CA PRO B 97 2.95 -14.04 -1.25
C PRO B 97 2.79 -15.22 -0.30
N ASP B 98 1.76 -15.14 0.54
CA ASP B 98 1.53 -16.06 1.66
C ASP B 98 0.23 -16.84 1.52
N LEU B 99 -0.22 -17.03 0.30
CA LEU B 99 -1.53 -17.63 0.07
C LEU B 99 -1.35 -19.12 -0.18
N GLY B 100 -1.80 -19.93 0.77
CA GLY B 100 -1.78 -21.36 0.59
C GLY B 100 -3.08 -21.90 0.09
N GLY B 101 -3.02 -23.08 -0.50
CA GLY B 101 -4.23 -23.68 -1.03
C GLY B 101 -4.83 -22.95 -2.20
N CYS B 102 -4.00 -22.33 -3.03
CA CYS B 102 -4.49 -21.55 -4.16
C CYS B 102 -3.34 -21.27 -5.10
N ASP B 103 -3.67 -21.08 -6.36
CA ASP B 103 -2.69 -20.74 -7.37
C ASP B 103 -2.59 -19.23 -7.48
N TRP B 104 -1.37 -18.71 -7.46
CA TRP B 104 -1.18 -17.29 -7.59
C TRP B 104 -1.18 -16.88 -9.04
N HIS B 105 -1.56 -15.64 -9.29
CA HIS B 105 -1.42 -15.02 -10.59
C HIS B 105 -0.89 -13.62 -10.37
N ILE B 106 0.22 -13.31 -11.03
CA ILE B 106 1.03 -12.14 -10.73
C ILE B 106 1.16 -11.30 -12.00
N ASN B 107 0.95 -10.00 -11.86
CA ASN B 107 1.20 -9.07 -12.95
C ASN B 107 2.64 -8.58 -12.86
N MET B 108 3.41 -8.80 -13.92
CA MET B 108 4.84 -8.57 -13.94
C MET B 108 5.15 -7.41 -14.87
N THR B 109 6.00 -6.50 -14.40
CA THR B 109 6.46 -5.35 -15.17
C THR B 109 7.97 -5.23 -15.02
N GLN B 110 8.55 -4.33 -15.81
CA GLN B 110 9.98 -4.08 -15.78
C GLN B 110 10.23 -2.58 -15.82
N PHE B 111 11.28 -2.13 -15.14
CA PHE B 111 11.75 -0.75 -15.26
C PHE B 111 12.45 -0.58 -16.59
N GLY B 112 11.96 0.33 -17.40
CA GLY B 112 12.57 0.61 -18.68
C GLY B 112 11.87 0.00 -19.86
N HIS B 113 10.90 -0.88 -19.64
CA HIS B 113 10.20 -1.54 -20.72
C HIS B 113 8.70 -1.35 -20.58
N SER B 114 7.98 -1.86 -21.58
CA SER B 114 6.53 -1.83 -21.67
C SER B 114 5.95 -3.19 -21.33
N SER B 115 4.66 -3.36 -21.64
CA SER B 115 4.08 -4.68 -21.81
C SER B 115 4.06 -5.55 -20.56
N GLN B 116 3.21 -5.22 -19.58
CA GLN B 116 2.98 -6.09 -18.44
C GLN B 116 2.64 -7.49 -18.91
N THR B 117 2.96 -8.49 -18.10
CA THR B 117 2.82 -9.89 -18.47
C THR B 117 2.25 -10.68 -17.30
N GLN B 118 1.46 -11.70 -17.63
CA GLN B 118 0.82 -12.54 -16.63
C GLN B 118 1.77 -13.68 -16.25
N TYR B 119 1.89 -13.95 -14.96
CA TYR B 119 2.75 -15.00 -14.44
C TYR B 119 1.90 -15.89 -13.53
N ASP B 120 1.64 -17.12 -13.98
CA ASP B 120 0.82 -18.05 -13.22
C ASP B 120 1.72 -18.95 -12.39
N VAL B 121 1.46 -18.99 -11.08
CA VAL B 121 2.33 -19.64 -10.12
C VAL B 121 1.56 -20.77 -9.44
N ASP B 122 2.08 -21.98 -9.55
CA ASP B 122 1.62 -23.11 -8.74
C ASP B 122 2.60 -23.29 -7.59
N THR B 123 2.08 -23.35 -6.38
CA THR B 123 2.92 -23.34 -5.18
C THR B 123 3.21 -24.72 -4.62
N THR B 124 2.66 -25.77 -5.21
CA THR B 124 2.90 -27.14 -4.78
C THR B 124 4.18 -27.79 -5.32
N PRO B 125 4.58 -27.59 -6.57
CA PRO B 125 5.62 -28.43 -7.15
C PRO B 125 6.96 -28.32 -6.42
N ASP B 126 7.84 -29.27 -6.76
N ASP B 126 7.84 -29.25 -6.75
CA ASP B 126 9.14 -29.37 -6.13
CA ASP B 126 9.14 -29.35 -6.08
C ASP B 126 10.05 -28.20 -6.45
C ASP B 126 10.07 -28.21 -6.44
N THR B 127 9.87 -27.57 -7.60
CA THR B 127 10.71 -26.44 -8.00
C THR B 127 10.29 -25.13 -7.35
N PHE B 128 9.20 -25.13 -6.58
CA PHE B 128 8.80 -23.95 -5.82
C PHE B 128 9.48 -24.01 -4.48
N VAL B 129 10.72 -23.53 -4.44
CA VAL B 129 11.51 -23.54 -3.23
C VAL B 129 11.93 -22.12 -2.92
N PRO B 130 11.01 -21.25 -2.51
CA PRO B 130 11.37 -19.85 -2.31
C PRO B 130 12.36 -19.64 -1.20
N HIS B 131 12.70 -20.68 -0.46
CA HIS B 131 13.70 -20.53 0.59
C HIS B 131 15.10 -20.58 0.00
N LEU B 132 15.29 -21.36 -1.05
CA LEU B 132 16.54 -21.38 -1.79
C LEU B 132 16.64 -20.25 -2.79
N GLY B 133 15.72 -19.29 -2.75
CA GLY B 133 15.79 -18.15 -3.62
C GLY B 133 15.47 -18.44 -5.06
N SER B 134 14.60 -19.40 -5.33
CA SER B 134 14.32 -19.78 -6.69
C SER B 134 12.91 -20.35 -6.78
N ILE B 135 12.10 -19.75 -7.65
CA ILE B 135 10.80 -20.30 -7.98
C ILE B 135 10.78 -20.61 -9.46
N GLN B 136 9.76 -21.31 -9.91
CA GLN B 136 9.69 -21.71 -11.30
C GLN B 136 9.26 -20.54 -12.17
N ALA B 137 9.82 -20.48 -13.38
CA ALA B 137 9.52 -19.36 -14.26
C ALA B 137 8.15 -19.50 -14.90
N ASN B 138 7.78 -20.72 -15.28
CA ASN B 138 6.46 -21.02 -15.84
C ASN B 138 6.15 -20.15 -17.06
N GLY B 139 7.17 -19.94 -17.88
CA GLY B 139 6.99 -19.23 -19.13
C GLY B 139 7.39 -17.78 -19.10
N ILE B 140 7.66 -17.19 -17.93
CA ILE B 140 8.10 -15.80 -17.88
C ILE B 140 9.45 -15.69 -18.57
N GLY B 141 9.54 -14.80 -19.54
CA GLY B 141 10.78 -14.64 -20.30
C GLY B 141 11.92 -14.19 -19.42
N SER B 142 13.11 -14.22 -20.01
CA SER B 142 14.31 -13.83 -19.29
C SER B 142 14.24 -12.37 -18.87
N GLY B 143 14.87 -12.04 -17.77
CA GLY B 143 15.03 -10.64 -17.42
C GLY B 143 14.63 -10.38 -15.99
N ASN B 144 14.86 -9.13 -15.57
CA ASN B 144 14.55 -8.69 -14.23
C ASN B 144 13.14 -8.15 -14.20
N TYR B 145 12.34 -8.66 -13.27
CA TYR B 145 10.92 -8.37 -13.20
C TYR B 145 10.51 -8.02 -11.78
N VAL B 146 9.53 -7.13 -11.69
CA VAL B 146 8.80 -6.87 -10.47
CA VAL B 146 8.80 -6.85 -10.46
C VAL B 146 7.34 -7.18 -10.72
N GLY B 147 6.78 -8.06 -9.91
CA GLY B 147 5.40 -8.45 -10.06
C GLY B 147 4.64 -8.32 -8.77
N VAL B 148 3.33 -8.12 -8.91
CA VAL B 148 2.42 -8.00 -7.78
C VAL B 148 1.29 -8.99 -7.95
N LEU B 149 0.82 -9.56 -6.85
CA LEU B 149 -0.29 -10.49 -6.88
C LEU B 149 -1.56 -9.78 -7.34
N SER B 150 -2.24 -10.36 -8.32
CA SER B 150 -3.44 -9.78 -8.89
CA SER B 150 -3.45 -9.77 -8.88
CA SER B 150 -3.44 -9.78 -8.89
C SER B 150 -4.70 -10.57 -8.54
N TRP B 151 -4.70 -11.87 -8.81
CA TRP B 151 -5.87 -12.69 -8.51
C TRP B 151 -5.43 -14.13 -8.27
N ILE B 152 -6.33 -14.91 -7.66
CA ILE B 152 -6.03 -16.27 -7.26
C ILE B 152 -7.06 -17.22 -7.86
N SER B 153 -6.81 -18.50 -7.68
CA SER B 153 -7.49 -19.55 -8.42
C SER B 153 -7.46 -20.82 -7.58
N PRO B 154 -8.29 -21.80 -7.92
CA PRO B 154 -8.18 -23.09 -7.25
C PRO B 154 -6.85 -23.76 -7.60
N PRO B 155 -6.26 -24.48 -6.65
CA PRO B 155 -4.92 -25.03 -6.88
C PRO B 155 -4.91 -26.06 -7.99
N SER B 156 -3.74 -26.25 -8.58
CA SER B 156 -3.62 -27.22 -9.65
C SER B 156 -3.33 -28.61 -9.10
N HIS B 157 -2.75 -28.69 -7.92
CA HIS B 157 -2.52 -29.95 -7.23
C HIS B 157 -2.75 -29.77 -5.73
N PRO B 158 -3.52 -30.66 -5.09
CA PRO B 158 -4.19 -31.80 -5.73
C PRO B 158 -5.48 -31.38 -6.40
N SER B 159 -5.67 -31.80 -7.65
CA SER B 159 -6.84 -31.36 -8.39
C SER B 159 -8.11 -31.84 -7.69
N GLY B 160 -9.14 -31.00 -7.74
CA GLY B 160 -10.37 -31.27 -7.03
C GLY B 160 -10.49 -30.55 -5.70
N SER B 161 -9.39 -30.06 -5.14
CA SER B 161 -9.45 -29.30 -3.91
C SER B 161 -9.84 -27.86 -4.22
N GLN B 162 -10.60 -27.26 -3.32
CA GLN B 162 -11.05 -25.89 -3.51
C GLN B 162 -10.33 -24.96 -2.55
N VAL B 163 -10.46 -23.66 -2.82
CA VAL B 163 -9.59 -22.65 -2.23
C VAL B 163 -9.71 -22.68 -0.72
N ASP B 164 -8.58 -22.77 -0.04
CA ASP B 164 -8.48 -22.83 1.41
C ASP B 164 -7.44 -21.78 1.77
N LEU B 165 -7.87 -20.55 1.92
CA LEU B 165 -6.86 -19.55 2.17
C LEU B 165 -6.37 -19.57 3.54
N TRP B 166 -6.60 -20.60 4.31
CA TRP B 166 -6.12 -20.67 5.67
C TRP B 166 -4.76 -21.36 5.79
N LYS B 167 -4.20 -21.82 4.70
CA LYS B 167 -2.91 -22.49 4.69
C LYS B 167 -1.83 -21.52 4.19
N ILE B 168 -0.59 -22.00 4.17
CA ILE B 168 0.53 -21.25 3.59
C ILE B 168 1.24 -22.17 2.61
N PRO B 169 1.93 -21.63 1.60
CA PRO B 169 2.60 -22.51 0.64
C PRO B 169 3.82 -23.17 1.26
N ASN B 170 4.09 -24.37 0.78
CA ASN B 170 5.30 -25.10 1.16
C ASN B 170 6.50 -24.33 0.62
N TYR B 171 7.27 -23.73 1.52
CA TYR B 171 8.36 -22.86 1.12
C TYR B 171 9.62 -23.65 0.82
N GLY B 172 9.49 -24.94 0.51
CA GLY B 172 10.68 -25.74 0.31
C GLY B 172 11.39 -25.94 1.64
N SER B 173 12.71 -25.78 1.63
CA SER B 173 13.53 -25.86 2.85
C SER B 173 13.27 -27.16 3.60
N SER B 174 13.71 -28.26 3.02
CA SER B 174 13.37 -29.59 3.52
C SER B 174 14.16 -29.90 4.79
N ILE B 175 14.19 -31.18 5.15
CA ILE B 175 14.37 -31.69 6.51
C ILE B 175 15.43 -30.97 7.34
N THR B 176 16.64 -30.83 6.79
CA THR B 176 17.77 -30.42 7.63
C THR B 176 17.69 -28.97 8.09
N GLU B 177 17.49 -28.04 7.15
CA GLU B 177 17.61 -26.61 7.42
C GLU B 177 16.59 -26.12 8.44
N ALA B 178 16.88 -24.99 9.08
CA ALA B 178 15.90 -24.27 9.86
C ALA B 178 15.14 -23.37 8.90
N THR B 179 13.81 -23.49 8.89
CA THR B 179 12.99 -22.89 7.85
C THR B 179 12.67 -21.42 8.09
N HIS B 180 12.96 -20.88 9.27
CA HIS B 180 12.65 -19.49 9.62
C HIS B 180 11.17 -19.18 9.47
N LEU B 181 10.34 -20.20 9.34
CA LEU B 181 8.91 -19.99 9.26
C LEU B 181 8.40 -19.29 10.51
N ALA B 182 7.46 -18.39 10.35
CA ALA B 182 6.84 -17.81 11.52
C ALA B 182 6.11 -18.90 12.29
N PRO B 183 6.15 -18.85 13.62
CA PRO B 183 5.45 -19.86 14.41
C PRO B 183 3.95 -19.76 14.19
N SER B 184 3.28 -20.91 14.34
CA SER B 184 1.83 -20.96 14.24
C SER B 184 1.21 -20.10 15.34
N VAL B 185 0.04 -19.55 15.04
CA VAL B 185 -0.73 -18.81 16.02
C VAL B 185 -1.99 -19.60 16.31
N TYR B 186 -2.25 -19.83 17.58
CA TYR B 186 -3.35 -20.64 18.04
C TYR B 186 -4.41 -19.79 18.71
N PRO B 187 -5.65 -20.24 18.72
CA PRO B 187 -6.63 -19.68 19.61
C PRO B 187 -6.20 -19.91 21.06
N PRO B 188 -6.05 -18.84 21.83
CA PRO B 188 -5.49 -18.98 23.18
C PRO B 188 -6.34 -19.78 24.13
N GLY B 189 -7.44 -20.35 23.67
CA GLY B 189 -8.35 -21.06 24.55
C GLY B 189 -9.34 -20.11 25.18
N PHE B 190 -9.89 -20.55 26.31
CA PHE B 190 -10.92 -19.79 27.02
C PHE B 190 -12.10 -19.49 26.12
N GLY B 191 -12.40 -20.40 25.21
CA GLY B 191 -13.49 -20.18 24.29
C GLY B 191 -13.25 -19.10 23.27
N GLU B 192 -12.05 -18.55 23.21
CA GLU B 192 -11.75 -17.50 22.25
C GLU B 192 -11.38 -18.10 20.91
N VAL B 193 -11.76 -17.39 19.85
CA VAL B 193 -11.44 -17.78 18.50
C VAL B 193 -10.72 -16.61 17.85
N LEU B 194 -9.90 -16.94 16.88
CA LEU B 194 -9.09 -15.95 16.21
C LEU B 194 -9.97 -15.09 15.30
N VAL B 195 -9.58 -13.82 15.15
CA VAL B 195 -10.32 -12.86 14.35
C VAL B 195 -9.46 -12.49 13.15
N PHE B 196 -10.06 -12.50 11.97
CA PHE B 196 -9.35 -12.30 10.73
C PHE B 196 -9.98 -11.19 9.94
N PHE B 197 -9.15 -10.28 9.44
CA PHE B 197 -9.58 -9.20 8.56
C PHE B 197 -9.68 -9.76 7.16
N MET B 198 -10.88 -9.80 6.62
CA MET B 198 -11.15 -10.44 5.35
C MET B 198 -11.25 -9.41 4.26
N SER B 199 -10.43 -9.57 3.24
CA SER B 199 -10.49 -8.72 2.06
C SER B 199 -10.92 -9.56 0.87
N LYS B 200 -11.71 -8.98 -0.01
CA LYS B 200 -12.16 -9.72 -1.18
C LYS B 200 -11.03 -9.83 -2.18
N MET B 201 -10.60 -11.03 -2.43
CA MET B 201 -9.61 -11.26 -3.47
C MET B 201 -10.30 -11.48 -4.79
N PRO B 202 -9.81 -10.91 -5.88
CA PRO B 202 -10.30 -11.30 -7.19
C PRO B 202 -9.96 -12.76 -7.45
N GLY B 203 -10.92 -13.49 -7.99
CA GLY B 203 -10.74 -14.89 -8.25
C GLY B 203 -12.07 -15.54 -8.49
N PRO B 204 -12.06 -16.69 -9.14
CA PRO B 204 -13.34 -17.29 -9.56
C PRO B 204 -14.18 -17.79 -8.40
N GLY B 205 -14.51 -16.89 -7.49
CA GLY B 205 -15.31 -17.26 -6.34
C GLY B 205 -15.24 -16.19 -5.28
N ALA B 206 -16.06 -16.35 -4.27
CA ALA B 206 -16.15 -15.39 -3.17
C ALA B 206 -14.98 -15.59 -2.22
N TYR B 207 -13.81 -15.14 -2.67
CA TYR B 207 -12.60 -15.35 -1.90
C TYR B 207 -12.43 -14.26 -0.88
N ASN B 208 -12.50 -14.64 0.39
CA ASN B 208 -12.27 -13.74 1.50
C ASN B 208 -10.92 -14.10 2.08
N LEU B 209 -9.91 -13.32 1.75
CA LEU B 209 -8.56 -13.56 2.24
C LEU B 209 -8.45 -13.06 3.67
N PRO B 210 -8.08 -13.92 4.62
CA PRO B 210 -7.88 -13.48 6.00
C PRO B 210 -6.47 -13.01 6.28
N CYS B 211 -6.37 -11.94 7.04
CA CYS B 211 -5.10 -11.47 7.54
C CYS B 211 -5.25 -11.18 9.02
N LEU B 212 -4.15 -11.31 9.76
CA LEU B 212 -4.24 -11.13 11.19
C LEU B 212 -4.26 -9.67 11.58
N LEU B 213 -3.58 -8.81 10.82
CA LEU B 213 -3.56 -7.39 11.07
C LEU B 213 -3.61 -6.66 9.74
N PRO B 214 -4.25 -5.50 9.67
CA PRO B 214 -4.14 -4.67 8.47
C PRO B 214 -2.71 -4.18 8.29
N GLN B 215 -2.37 -3.83 7.06
CA GLN B 215 -0.99 -3.43 6.76
C GLN B 215 -0.64 -2.13 7.46
N GLU B 216 -1.56 -1.18 7.49
CA GLU B 216 -1.29 0.07 8.18
C GLU B 216 -1.05 -0.16 9.66
N TYR B 217 -1.72 -1.14 10.25
CA TYR B 217 -1.40 -1.54 11.61
C TYR B 217 0.05 -1.99 11.71
N ILE B 218 0.49 -2.80 10.75
CA ILE B 218 1.86 -3.29 10.78
C ILE B 218 2.85 -2.14 10.69
N SER B 219 2.59 -1.19 9.81
CA SER B 219 3.51 -0.07 9.69
CA SER B 219 3.49 -0.05 9.68
C SER B 219 3.49 0.80 10.94
N HIS B 220 2.33 0.96 11.57
CA HIS B 220 2.28 1.75 12.78
C HIS B 220 3.00 1.07 13.92
N LEU B 221 2.89 -0.25 14.03
CA LEU B 221 3.58 -0.98 15.09
C LEU B 221 5.07 -1.04 14.82
N ALA B 222 5.48 -1.13 13.55
CA ALA B 222 6.89 -1.17 13.21
C ALA B 222 7.54 0.18 13.41
N SER B 223 6.87 1.25 13.04
CA SER B 223 7.44 2.56 13.20
C SER B 223 7.39 2.99 14.66
N GLU B 224 6.43 2.48 15.41
CA GLU B 224 6.27 2.92 16.78
C GLU B 224 7.19 2.15 17.71
N GLN B 225 7.28 0.84 17.54
CA GLN B 225 8.12 -0.03 18.36
C GLN B 225 7.76 0.13 19.83
N ALA B 226 6.52 -0.24 20.15
CA ALA B 226 6.02 -0.12 21.49
C ALA B 226 6.94 -0.83 22.47
N PRO B 227 7.56 -0.13 23.38
CA PRO B 227 8.51 -0.78 24.29
C PRO B 227 7.82 -1.72 25.25
N THR B 228 6.65 -1.34 25.72
CA THR B 228 5.97 -2.05 26.80
C THR B 228 4.86 -2.91 26.21
N VAL B 229 4.94 -4.21 26.45
CA VAL B 229 3.86 -5.13 26.11
C VAL B 229 3.54 -5.95 27.35
N GLY B 230 2.34 -5.79 27.87
CA GLY B 230 1.80 -6.70 28.88
C GLY B 230 1.54 -8.07 28.28
N GLU B 231 0.59 -8.78 28.88
CA GLU B 231 0.28 -10.11 28.37
C GLU B 231 -0.63 -10.05 27.15
N ALA B 232 -1.51 -9.05 27.10
CA ALA B 232 -2.43 -8.86 25.99
C ALA B 232 -2.96 -7.44 26.03
N ALA B 233 -3.55 -7.01 24.92
CA ALA B 233 -4.02 -5.65 24.73
C ALA B 233 -5.51 -5.70 24.41
N LEU B 234 -6.34 -5.39 25.40
CA LEU B 234 -7.77 -5.37 25.17
C LEU B 234 -8.13 -4.21 24.27
N LEU B 235 -8.82 -4.51 23.17
CA LEU B 235 -9.28 -3.53 22.20
C LEU B 235 -10.79 -3.45 22.20
N HIS B 236 -11.32 -2.29 21.82
CA HIS B 236 -12.72 -2.13 21.49
C HIS B 236 -12.82 -1.67 20.05
N TYR B 237 -13.92 -1.98 19.41
CA TYR B 237 -14.14 -1.68 18.01
C TYR B 237 -15.18 -0.57 17.95
N VAL B 238 -14.75 0.67 18.05
CA VAL B 238 -15.63 1.80 18.20
C VAL B 238 -16.16 2.25 16.85
N ASP B 239 -17.44 2.60 16.82
CA ASP B 239 -18.07 3.17 15.64
C ASP B 239 -17.84 4.66 15.65
N PRO B 240 -17.16 5.22 14.64
CA PRO B 240 -16.69 6.61 14.75
C PRO B 240 -17.81 7.63 14.67
N ASP B 241 -18.86 7.36 13.90
CA ASP B 241 -19.94 8.33 13.78
C ASP B 241 -20.67 8.54 15.11
N THR B 242 -20.84 7.48 15.88
CA THR B 242 -21.63 7.55 17.10
C THR B 242 -20.81 7.48 18.38
N GLY B 243 -19.77 6.66 18.42
CA GLY B 243 -18.97 6.52 19.62
C GLY B 243 -19.39 5.42 20.56
N ARG B 244 -20.16 4.45 20.08
CA ARG B 244 -20.55 3.32 20.90
C ARG B 244 -19.64 2.14 20.63
N ASN B 245 -19.17 1.51 21.71
CA ASN B 245 -18.36 0.31 21.59
C ASN B 245 -19.19 -0.81 21.00
N LEU B 246 -18.60 -1.55 20.06
CA LEU B 246 -19.32 -2.61 19.39
C LEU B 246 -18.90 -4.01 19.82
N GLY B 247 -17.86 -4.14 20.64
CA GLY B 247 -17.46 -5.45 21.10
C GLY B 247 -15.98 -5.55 21.35
N GLU B 248 -15.58 -6.24 22.40
CA GLU B 248 -14.20 -6.22 22.84
C GLU B 248 -13.43 -7.39 22.27
N PHE B 249 -12.20 -7.11 21.86
CA PHE B 249 -11.25 -8.06 21.32
C PHE B 249 -10.02 -8.03 22.20
N LYS B 250 -9.09 -8.96 21.99
CA LYS B 250 -7.81 -8.89 22.68
C LYS B 250 -6.68 -9.24 21.74
N ALA B 251 -5.63 -8.39 21.75
CA ALA B 251 -4.46 -8.56 20.92
C ALA B 251 -3.35 -9.22 21.72
N TYR B 252 -2.90 -10.34 21.27
CA TYR B 252 -1.80 -11.03 21.92
C TYR B 252 -0.48 -10.58 21.34
N PRO B 253 0.60 -10.64 22.13
CA PRO B 253 1.86 -10.02 21.69
C PRO B 253 2.42 -10.57 20.39
N ASP B 254 2.02 -11.75 19.96
CA ASP B 254 2.51 -12.24 18.68
C ASP B 254 1.78 -11.58 17.52
N GLY B 255 0.81 -10.75 17.80
CA GLY B 255 0.27 -9.90 16.76
C GLY B 255 -1.01 -10.40 16.15
N PHE B 256 -1.95 -10.86 16.98
CA PHE B 256 -3.25 -11.24 16.49
C PHE B 256 -4.31 -10.78 17.47
N LEU B 257 -5.56 -10.80 17.00
CA LEU B 257 -6.72 -10.45 17.80
C LEU B 257 -7.60 -11.67 17.96
N THR B 258 -8.16 -11.83 19.14
CA THR B 258 -9.08 -12.93 19.43
C THR B 258 -10.31 -12.39 20.13
N CYS B 259 -11.41 -13.11 19.99
CA CYS B 259 -12.67 -12.72 20.59
C CYS B 259 -13.52 -13.95 20.80
N VAL B 260 -14.47 -13.84 21.72
CA VAL B 260 -15.45 -14.90 21.95
C VAL B 260 -16.71 -14.50 21.20
N PRO B 261 -17.13 -15.23 20.17
CA PRO B 261 -18.40 -14.94 19.53
C PRO B 261 -19.56 -15.41 20.39
N ASN B 262 -20.75 -14.95 20.02
CA ASN B 262 -21.98 -15.32 20.73
C ASN B 262 -22.83 -16.33 19.97
N GLY B 263 -22.52 -16.61 18.71
CA GLY B 263 -23.27 -17.57 17.94
C GLY B 263 -22.66 -17.89 16.60
CA GLY B 267 -20.34 -12.62 16.53
C GLY B 267 -19.62 -11.48 15.84
N PRO B 268 -18.32 -11.64 15.59
CA PRO B 268 -17.57 -10.57 14.92
C PRO B 268 -17.86 -10.47 13.44
N GLN B 269 -18.48 -11.47 12.82
CA GLN B 269 -18.93 -11.29 11.45
C GLN B 269 -20.11 -10.34 11.36
N GLN B 270 -20.75 -10.03 12.49
CA GLN B 270 -21.87 -9.11 12.55
C GLN B 270 -21.44 -7.67 12.78
N LEU B 271 -20.18 -7.41 12.89
CA LEU B 271 -19.75 -6.04 13.14
C LEU B 271 -19.55 -5.31 11.82
N PRO B 272 -19.80 -4.00 11.78
CA PRO B 272 -19.51 -3.23 10.59
C PRO B 272 -18.00 -3.09 10.38
N ILE B 273 -17.63 -2.59 9.21
CA ILE B 273 -16.23 -2.43 8.86
C ILE B 273 -15.78 -0.98 8.95
N ASN B 274 -16.69 -0.06 9.23
CA ASN B 274 -16.34 1.35 9.31
C ASN B 274 -15.91 1.77 10.70
N GLY B 275 -15.71 0.84 11.61
CA GLY B 275 -15.26 1.16 12.94
C GLY B 275 -13.77 1.37 13.01
N VAL B 276 -13.28 1.57 14.23
CA VAL B 276 -11.88 1.84 14.49
C VAL B 276 -11.47 1.08 15.74
N PHE B 277 -10.43 0.26 15.61
CA PHE B 277 -9.87 -0.44 16.76
C PHE B 277 -9.08 0.54 17.59
N VAL B 278 -9.64 0.92 18.74
CA VAL B 278 -8.93 1.75 19.68
C VAL B 278 -8.34 0.82 20.74
N PHE B 279 -7.04 0.90 20.92
CA PHE B 279 -6.38 0.17 21.99
C PHE B 279 -6.92 0.63 23.33
N VAL B 280 -7.62 -0.26 24.02
CA VAL B 280 -8.24 0.13 25.28
C VAL B 280 -7.25 0.03 26.42
N SER B 281 -6.70 -1.15 26.65
CA SER B 281 -5.84 -1.30 27.81
C SER B 281 -4.92 -2.49 27.66
N TRP B 282 -4.06 -2.68 28.67
CA TRP B 282 -3.26 -3.89 28.81
C TRP B 282 -3.92 -4.81 29.83
N VAL B 283 -4.22 -6.03 29.40
CA VAL B 283 -4.91 -7.04 30.18
C VAL B 283 -4.05 -8.29 30.25
N SER B 284 -4.35 -9.13 31.22
CA SER B 284 -3.74 -10.45 31.28
C SER B 284 -4.31 -11.33 30.17
N ARG B 285 -3.68 -12.48 29.96
CA ARG B 285 -4.12 -13.34 28.87
C ARG B 285 -5.23 -14.27 29.32
N PHE B 286 -5.64 -14.16 30.57
CA PHE B 286 -6.71 -14.97 31.05
C PHE B 286 -7.93 -14.14 31.14
N TYR B 287 -7.80 -12.89 30.80
CA TYR B 287 -8.89 -11.94 30.93
C TYR B 287 -10.08 -12.38 30.10
N GLN B 288 -11.25 -12.39 30.72
CA GLN B 288 -12.45 -12.92 30.09
C GLN B 288 -13.11 -11.84 29.23
N LEU B 289 -13.44 -12.19 27.99
CA LEU B 289 -14.04 -11.27 27.05
C LEU B 289 -15.55 -11.37 27.11
N LYS B 290 -16.22 -10.25 26.89
CA LYS B 290 -17.67 -10.31 26.65
C LYS B 290 -17.93 -10.78 25.22
N PRO B 291 -18.90 -11.67 25.01
CA PRO B 291 -19.24 -12.10 23.66
C PRO B 291 -19.54 -10.93 22.76
N VAL B 292 -19.32 -11.13 21.46
CA VAL B 292 -19.51 -10.05 20.50
C VAL B 292 -20.98 -9.67 20.49
N GLY B 293 -21.28 -8.43 20.88
CA GLY B 293 -22.64 -7.98 21.03
C GLY B 293 -22.95 -7.59 22.46
N ASP C 1 46.80 -5.50 13.35
CA ASP C 1 45.38 -5.86 13.32
C ASP C 1 45.19 -7.37 13.25
N ILE C 2 44.06 -7.79 12.69
CA ILE C 2 43.71 -9.20 12.64
C ILE C 2 44.44 -9.86 11.49
N VAL C 3 45.15 -10.95 11.79
CA VAL C 3 45.82 -11.75 10.79
C VAL C 3 45.13 -13.10 10.72
N MET C 4 44.71 -13.50 9.53
CA MET C 4 43.94 -14.72 9.36
C MET C 4 44.83 -15.75 8.67
N SER C 5 45.33 -16.70 9.44
CA SER C 5 46.11 -17.79 8.87
C SER C 5 45.13 -18.85 8.41
N GLN C 6 45.53 -19.60 7.40
CA GLN C 6 44.69 -20.68 6.90
C GLN C 6 45.51 -21.95 6.79
N SER C 7 44.80 -23.08 6.74
CA SER C 7 45.43 -24.36 6.57
C SER C 7 44.47 -25.23 5.76
N PRO C 8 44.97 -26.00 4.81
CA PRO C 8 46.39 -25.96 4.42
C PRO C 8 46.59 -24.94 3.33
N VAL C 9 47.81 -24.78 2.82
CA VAL C 9 48.01 -23.91 1.68
C VAL C 9 47.34 -24.50 0.44
N SER C 10 47.37 -25.82 0.31
CA SER C 10 46.68 -26.53 -0.76
C SER C 10 46.00 -27.76 -0.20
N LEU C 11 44.74 -27.99 -0.59
CA LEU C 11 43.94 -29.10 -0.08
C LEU C 11 43.56 -30.01 -1.24
N PRO C 12 44.30 -31.10 -1.45
CA PRO C 12 43.97 -32.04 -2.52
C PRO C 12 42.91 -33.03 -2.08
N VAL C 13 41.82 -33.11 -2.85
CA VAL C 13 40.64 -33.89 -2.48
C VAL C 13 40.13 -34.62 -3.71
N THR C 14 39.36 -35.69 -3.49
CA THR C 14 38.69 -36.35 -4.59
C THR C 14 37.25 -35.84 -4.70
N PRO C 15 36.70 -35.75 -5.91
CA PRO C 15 35.31 -35.32 -6.05
C PRO C 15 34.39 -36.24 -5.27
N GLY C 16 33.60 -35.63 -4.38
CA GLY C 16 32.72 -36.36 -3.51
C GLY C 16 33.20 -36.50 -2.09
N GLU C 17 34.42 -36.27 -1.85
CA GLU C 17 34.80 -36.59 -0.48
C GLU C 17 34.90 -35.30 0.34
N PRO C 18 34.38 -35.30 1.55
CA PRO C 18 34.22 -34.04 2.28
C PRO C 18 35.54 -33.44 2.70
N ALA C 19 35.68 -32.14 2.44
CA ALA C 19 36.93 -31.41 2.64
C ALA C 19 36.77 -30.39 3.73
N SER C 20 37.84 -30.20 4.52
CA SER C 20 37.83 -29.31 5.66
C SER C 20 38.96 -28.32 5.53
N ILE C 21 38.62 -27.04 5.41
CA ILE C 21 39.59 -25.95 5.30
C ILE C 21 39.54 -25.17 6.59
N SER C 22 40.65 -25.13 7.31
CA SER C 22 40.67 -24.46 8.60
C SER C 22 41.18 -23.04 8.42
N CYS C 23 40.65 -22.13 9.22
CA CYS C 23 41.10 -20.76 9.26
C CYS C 23 41.18 -20.34 10.71
N ARG C 24 42.30 -19.75 11.11
CA ARG C 24 42.49 -19.35 12.48
C ARG C 24 42.81 -17.86 12.52
N SER C 25 42.10 -17.14 13.37
CA SER C 25 42.25 -15.71 13.52
C SER C 25 43.06 -15.39 14.78
N SER C 26 43.87 -14.34 14.69
CA SER C 26 44.63 -13.91 15.84
C SER C 26 43.75 -13.35 16.94
N GLN C 27 42.62 -12.77 16.61
CA GLN C 27 41.67 -12.32 17.60
C GLN C 27 40.41 -13.17 17.48
N SER C 28 39.65 -13.24 18.58
CA SER C 28 38.44 -14.04 18.57
C SER C 28 37.37 -13.36 17.74
N LEU C 29 36.86 -14.07 16.75
CA LEU C 29 35.82 -13.58 15.85
C LEU C 29 34.41 -13.85 16.37
N LEU C 30 34.27 -14.18 17.65
CA LEU C 30 32.97 -14.31 18.28
C LEU C 30 32.50 -12.92 18.71
N HIS C 31 31.44 -12.43 18.11
CA HIS C 31 30.86 -11.18 18.54
C HIS C 31 29.86 -11.41 19.66
N SER C 32 29.48 -10.31 20.32
CA SER C 32 28.53 -10.43 21.41
C SER C 32 27.18 -10.94 20.95
N ASN C 33 26.82 -10.72 19.70
CA ASN C 33 25.52 -11.14 19.21
C ASN C 33 25.44 -12.64 18.99
N GLY C 34 26.53 -13.37 19.26
CA GLY C 34 26.54 -14.80 19.09
C GLY C 34 26.96 -15.27 17.72
N TYR C 35 27.16 -14.36 16.78
CA TYR C 35 27.57 -14.72 15.44
C TYR C 35 29.06 -14.53 15.27
N ASN C 36 29.65 -15.38 14.46
CA ASN C 36 31.07 -15.33 14.14
C ASN C 36 31.24 -14.51 12.87
N TYR C 37 31.74 -13.30 13.00
CA TYR C 37 31.88 -12.40 11.86
C TYR C 37 33.04 -12.85 10.99
N VAL C 38 32.92 -14.03 10.39
CA VAL C 38 33.91 -14.55 9.46
C VAL C 38 33.17 -14.93 8.20
N ASP C 39 33.72 -14.53 7.06
CA ASP C 39 33.13 -14.86 5.79
C ASP C 39 34.07 -15.75 5.02
N TRP C 40 33.51 -16.61 4.19
CA TRP C 40 34.26 -17.50 3.33
C TRP C 40 33.95 -17.12 1.89
N TYR C 41 34.97 -16.66 1.18
CA TYR C 41 34.88 -16.26 -0.20
C TYR C 41 35.57 -17.30 -1.08
N LEU C 42 35.03 -17.47 -2.27
CA LEU C 42 35.60 -18.34 -3.28
C LEU C 42 35.98 -17.51 -4.48
N GLN C 43 37.27 -17.37 -4.72
CA GLN C 43 37.75 -16.80 -5.96
C GLN C 43 38.12 -17.95 -6.87
N LYS C 44 37.35 -18.14 -7.89
CA LYS C 44 37.68 -19.17 -8.85
C LYS C 44 38.77 -18.67 -9.80
N PRO C 45 39.43 -19.57 -10.52
CA PRO C 45 40.48 -19.13 -11.44
C PRO C 45 39.91 -18.24 -12.54
N GLY C 46 40.27 -16.95 -12.47
CA GLY C 46 39.91 -16.01 -13.51
C GLY C 46 38.64 -15.22 -13.28
N GLN C 47 38.11 -15.20 -12.07
CA GLN C 47 36.85 -14.52 -11.81
C GLN C 47 37.00 -13.63 -10.59
N SER C 48 35.98 -12.82 -10.35
CA SER C 48 35.94 -11.98 -9.18
C SER C 48 35.47 -12.79 -7.98
N PRO C 49 35.94 -12.45 -6.79
CA PRO C 49 35.53 -13.20 -5.60
C PRO C 49 34.03 -13.16 -5.40
N GLN C 50 33.48 -14.27 -4.91
CA GLN C 50 32.06 -14.41 -4.62
C GLN C 50 31.88 -14.92 -3.21
N LEU C 51 30.91 -14.35 -2.51
CA LEU C 51 30.66 -14.70 -1.11
C LEU C 51 29.98 -16.06 -1.02
N LEU C 52 30.64 -17.03 -0.40
CA LEU C 52 30.02 -18.32 -0.14
C LEU C 52 29.31 -18.31 1.21
N LEU C 53 30.04 -18.08 2.28
CA LEU C 53 29.47 -18.12 3.60
C LEU C 53 29.68 -16.78 4.29
N TYR C 54 28.72 -16.38 5.11
CA TYR C 54 28.89 -15.21 5.93
C TYR C 54 28.33 -15.49 7.30
N LEU C 55 28.87 -14.79 8.28
CA LEU C 55 28.48 -14.97 9.68
C LEU C 55 28.65 -16.42 10.11
N GLY C 56 29.85 -16.95 9.88
CA GLY C 56 30.17 -18.28 10.30
C GLY C 56 29.58 -19.37 9.43
N SER C 57 28.28 -19.56 9.51
CA SER C 57 27.64 -20.71 8.90
C SER C 57 26.58 -20.38 7.87
N ASN C 58 26.15 -19.13 7.76
CA ASN C 58 25.07 -18.78 6.86
C ASN C 58 25.55 -18.80 5.41
N ARG C 59 24.68 -19.24 4.52
CA ARG C 59 25.00 -19.33 3.12
C ARG C 59 24.45 -18.13 2.37
N ALA C 60 25.20 -17.69 1.36
CA ALA C 60 24.81 -16.53 0.58
C ALA C 60 23.83 -16.96 -0.51
N ALA C 61 23.52 -16.06 -1.43
CA ALA C 61 22.55 -16.34 -2.46
C ALA C 61 23.13 -17.32 -3.46
N GLY C 62 22.50 -18.47 -3.61
CA GLY C 62 22.92 -19.45 -4.58
C GLY C 62 23.96 -20.42 -4.10
N VAL C 63 24.30 -20.40 -2.82
CA VAL C 63 25.29 -21.35 -2.31
C VAL C 63 24.60 -22.67 -1.99
N PRO C 64 25.00 -23.78 -2.60
CA PRO C 64 24.37 -25.06 -2.27
C PRO C 64 24.67 -25.47 -0.85
N ASP C 65 23.87 -26.41 -0.35
CA ASP C 65 23.94 -26.84 1.04
C ASP C 65 25.19 -27.64 1.35
N ARG C 66 26.01 -27.96 0.36
CA ARG C 66 27.23 -28.72 0.64
C ARG C 66 28.27 -27.87 1.32
N PHE C 67 28.21 -26.55 1.17
CA PHE C 67 29.11 -25.66 1.88
C PHE C 67 28.58 -25.44 3.29
N SER C 68 29.38 -25.77 4.29
CA SER C 68 28.98 -25.58 5.67
C SER C 68 30.08 -24.83 6.40
N GLY C 69 29.68 -24.01 7.34
CA GLY C 69 30.61 -23.32 8.21
C GLY C 69 30.52 -23.90 9.60
N SER C 70 31.67 -24.28 10.15
CA SER C 70 31.71 -24.84 11.48
C SER C 70 32.78 -24.08 12.25
N GLY C 71 32.86 -24.36 13.54
CA GLY C 71 33.87 -23.74 14.35
C GLY C 71 33.44 -22.38 14.84
N SER C 72 34.27 -21.84 15.73
CA SER C 72 33.91 -20.61 16.41
C SER C 72 35.12 -20.05 17.11
N GLY C 73 34.91 -18.91 17.75
CA GLY C 73 35.87 -18.30 18.64
C GLY C 73 37.01 -17.71 17.84
N THR C 74 37.93 -18.58 17.42
CA THR C 74 39.05 -18.19 16.57
C THR C 74 39.31 -19.16 15.44
N ASP C 75 38.81 -20.38 15.48
CA ASP C 75 39.13 -21.36 14.44
C ASP C 75 37.83 -21.82 13.80
N PHE C 76 37.80 -21.78 12.48
CA PHE C 76 36.60 -22.01 11.71
C PHE C 76 36.93 -22.98 10.60
N THR C 77 35.94 -23.76 10.19
CA THR C 77 36.17 -24.79 9.20
C THR C 77 35.14 -24.69 8.10
N LEU C 78 35.61 -24.54 6.88
CA LEU C 78 34.78 -24.67 5.70
C LEU C 78 34.71 -26.14 5.38
N LYS C 79 33.52 -26.71 5.47
CA LYS C 79 33.31 -28.13 5.20
C LYS C 79 32.52 -28.26 3.91
N ILE C 80 33.13 -28.87 2.91
CA ILE C 80 32.47 -29.16 1.65
C ILE C 80 32.05 -30.62 1.71
N SER C 81 30.75 -30.86 1.78
CA SER C 81 30.24 -32.22 1.95
C SER C 81 30.62 -33.11 0.78
N ARG C 82 30.32 -32.67 -0.43
CA ARG C 82 30.59 -33.44 -1.64
C ARG C 82 31.28 -32.51 -2.62
N VAL C 83 32.61 -32.57 -2.66
CA VAL C 83 33.37 -31.68 -3.53
C VAL C 83 33.05 -32.00 -4.98
N GLU C 84 32.64 -30.99 -5.71
CA GLU C 84 32.37 -31.12 -7.14
C GLU C 84 33.55 -30.54 -7.91
N ALA C 85 33.37 -30.44 -9.23
CA ALA C 85 34.41 -29.82 -10.04
C ALA C 85 34.23 -28.30 -10.09
N GLU C 86 33.06 -27.79 -9.68
CA GLU C 86 32.80 -26.37 -9.70
C GLU C 86 33.42 -25.64 -8.52
N ASP C 87 33.91 -26.37 -7.53
CA ASP C 87 34.37 -25.77 -6.29
C ASP C 87 35.87 -25.52 -6.27
N VAL C 88 36.59 -25.86 -7.33
CA VAL C 88 38.03 -25.66 -7.35
C VAL C 88 38.32 -24.17 -7.29
N GLY C 89 39.37 -23.80 -6.56
CA GLY C 89 39.72 -22.39 -6.52
C GLY C 89 40.32 -22.03 -5.18
N VAL C 90 40.47 -20.72 -4.99
CA VAL C 90 41.12 -20.20 -3.80
C VAL C 90 40.04 -19.76 -2.82
N TYR C 91 40.05 -20.34 -1.63
CA TYR C 91 39.10 -20.01 -0.60
C TYR C 91 39.78 -19.10 0.41
N TYR C 92 39.21 -17.92 0.59
CA TYR C 92 39.72 -16.93 1.51
C TYR C 92 38.79 -16.86 2.70
N CYS C 93 39.34 -16.83 3.90
CA CYS C 93 38.56 -16.52 5.08
C CYS C 93 38.81 -15.05 5.41
N MET C 94 37.80 -14.23 5.22
CA MET C 94 37.90 -12.82 5.50
C MET C 94 37.32 -12.54 6.85
N GLN C 95 38.09 -11.83 7.68
CA GLN C 95 37.53 -11.30 8.90
C GLN C 95 36.65 -10.12 8.55
N ALA C 96 35.44 -10.11 9.10
CA ALA C 96 34.48 -9.06 8.81
C ALA C 96 34.15 -8.25 10.05
N LEU C 97 34.88 -8.48 11.13
CA LEU C 97 34.54 -7.86 12.39
C LEU C 97 34.90 -6.39 12.39
N GLN C 98 36.02 -6.03 11.78
CA GLN C 98 36.51 -4.66 11.87
C GLN C 98 37.40 -4.35 10.68
N THR C 99 37.46 -3.04 10.34
CA THR C 99 38.32 -2.50 9.31
C THR C 99 39.69 -2.21 9.89
N PRO C 100 40.78 -2.44 9.14
CA PRO C 100 40.81 -2.92 7.75
C PRO C 100 40.50 -4.40 7.62
N TYR C 101 39.52 -4.71 6.78
CA TYR C 101 39.13 -6.09 6.57
C TYR C 101 40.29 -6.89 6.01
N THR C 102 40.79 -7.83 6.79
CA THR C 102 41.94 -8.63 6.41
C THR C 102 41.50 -9.99 5.91
N PHE C 103 42.00 -10.36 4.75
CA PHE C 103 41.78 -11.67 4.16
C PHE C 103 42.91 -12.59 4.57
N GLY C 104 42.65 -13.88 4.53
CA GLY C 104 43.70 -14.85 4.75
C GLY C 104 44.44 -15.14 3.47
N GLN C 105 45.60 -15.80 3.60
CA GLN C 105 46.40 -16.08 2.42
C GLN C 105 45.66 -16.98 1.44
N GLY C 106 44.60 -17.63 1.87
CA GLY C 106 43.80 -18.47 1.01
C GLY C 106 44.32 -19.89 0.95
N THR C 107 43.40 -20.83 0.81
CA THR C 107 43.73 -22.22 0.53
C THR C 107 43.32 -22.53 -0.90
N LYS C 108 44.26 -23.05 -1.68
CA LYS C 108 43.98 -23.42 -3.05
C LYS C 108 43.41 -24.82 -3.05
N LEU C 109 42.09 -24.92 -2.96
CA LEU C 109 41.40 -26.19 -3.00
C LEU C 109 41.49 -26.74 -4.41
N ASP C 110 42.22 -27.83 -4.53
CA ASP C 110 42.40 -28.54 -5.77
C ASP C 110 41.90 -29.97 -5.59
N ILE C 111 41.39 -30.53 -6.68
CA ILE C 111 40.78 -31.84 -6.65
C ILE C 111 41.77 -32.84 -7.19
N LYS C 112 41.71 -34.06 -6.68
CA LYS C 112 42.64 -35.10 -7.11
C LYS C 112 42.44 -35.40 -8.58
N VAL D 1 22.10 -6.79 -9.11
CA VAL D 1 23.17 -5.88 -8.75
C VAL D 1 24.31 -5.99 -9.73
N GLN D 2 24.53 -4.96 -10.54
CA GLN D 2 25.66 -4.93 -11.46
C GLN D 2 26.50 -3.71 -11.12
N LEU D 3 27.81 -3.91 -10.94
CA LEU D 3 28.76 -2.85 -10.63
C LEU D 3 29.88 -2.86 -11.67
N LEU D 4 29.96 -1.79 -12.47
CA LEU D 4 30.87 -1.71 -13.60
C LEU D 4 31.96 -0.69 -13.31
N GLU D 5 33.20 -1.13 -13.36
CA GLU D 5 34.32 -0.28 -13.01
C GLU D 5 35.20 0.04 -14.22
N SER D 6 35.77 1.23 -14.18
CA SER D 6 36.51 1.77 -15.31
C SER D 6 37.53 2.78 -14.80
N GLY D 7 38.50 3.07 -15.64
CA GLY D 7 39.47 4.10 -15.36
C GLY D 7 40.89 3.62 -15.19
N GLY D 8 41.10 2.31 -15.14
CA GLY D 8 42.43 1.80 -14.86
C GLY D 8 43.34 1.97 -16.05
N ALA D 9 44.49 2.59 -15.83
CA ALA D 9 45.46 2.75 -16.91
C ALA D 9 46.85 2.86 -16.30
N LEU D 10 47.85 2.77 -17.16
CA LEU D 10 49.23 2.88 -16.71
C LEU D 10 49.48 4.28 -16.22
N VAL D 11 49.99 4.40 -15.01
CA VAL D 11 50.25 5.69 -14.39
C VAL D 11 51.73 5.80 -14.04
N HIS D 12 52.32 6.94 -14.36
CA HIS D 12 53.68 7.22 -13.94
C HIS D 12 53.76 7.19 -12.42
N PRO D 13 54.85 6.66 -11.87
CA PRO D 13 54.99 6.66 -10.41
C PRO D 13 54.90 8.07 -9.87
N GLY D 14 53.87 8.30 -9.06
CA GLY D 14 53.59 9.62 -8.55
C GLY D 14 52.48 10.36 -9.25
N GLY D 15 51.92 9.79 -10.32
CA GLY D 15 50.87 10.43 -11.07
C GLY D 15 49.54 10.37 -10.34
N SER D 16 48.47 10.23 -11.13
CA SER D 16 47.13 10.16 -10.58
C SER D 16 46.22 9.40 -11.53
N LEU D 17 45.11 8.91 -10.98
CA LEU D 17 44.12 8.18 -11.74
C LEU D 17 42.80 8.29 -11.00
N ARG D 18 41.72 7.84 -11.63
CA ARG D 18 40.39 7.93 -11.03
C ARG D 18 39.56 6.76 -11.53
N LEU D 19 39.26 5.83 -10.64
CA LEU D 19 38.50 4.63 -10.96
C LEU D 19 37.05 4.84 -10.55
N SER D 20 36.14 4.58 -11.47
CA SER D 20 34.71 4.76 -11.23
C SER D 20 34.00 3.42 -11.27
N CYS D 21 32.95 3.31 -10.46
CA CYS D 21 32.14 2.10 -10.35
C CYS D 21 30.68 2.53 -10.47
N ALA D 22 30.08 2.29 -11.63
CA ALA D 22 28.70 2.66 -11.90
C ALA D 22 27.80 1.48 -11.59
N ALA D 23 26.75 1.73 -10.83
CA ALA D 23 25.88 0.68 -10.32
C ALA D 23 24.54 0.70 -11.01
N SER D 24 23.97 -0.46 -11.21
CA SER D 24 22.66 -0.56 -11.83
C SER D 24 21.93 -1.78 -11.28
N GLY D 25 20.63 -1.62 -11.09
CA GLY D 25 19.77 -2.72 -10.71
C GLY D 25 19.35 -2.77 -9.27
N PHE D 26 19.75 -1.78 -8.46
CA PHE D 26 19.40 -1.77 -7.05
C PHE D 26 19.46 -0.34 -6.56
N THR D 27 18.91 -0.11 -5.38
CA THR D 27 18.97 1.23 -4.79
C THR D 27 20.41 1.51 -4.38
N PHE D 28 21.13 2.24 -5.22
CA PHE D 28 22.52 2.54 -4.93
C PHE D 28 22.66 3.38 -3.69
N SER D 29 21.67 4.24 -3.41
CA SER D 29 21.79 5.19 -2.33
C SER D 29 21.88 4.53 -0.97
N SER D 30 21.43 3.29 -0.84
CA SER D 30 21.34 2.64 0.46
C SER D 30 22.34 1.50 0.62
N SER D 31 23.39 1.46 -0.18
CA SER D 31 24.33 0.36 -0.18
C SER D 31 25.72 0.88 0.15
N SER D 32 26.39 0.22 1.08
CA SER D 32 27.79 0.50 1.36
C SER D 32 28.66 -0.22 0.35
N PHE D 33 29.79 0.39 0.02
CA PHE D 33 30.69 -0.16 -0.97
C PHE D 33 32.10 -0.19 -0.43
N SER D 34 32.95 -0.93 -1.12
CA SER D 34 34.34 -1.06 -0.73
C SER D 34 35.17 -1.32 -1.96
N TRP D 35 36.38 -0.79 -1.97
CA TRP D 35 37.35 -1.07 -3.01
C TRP D 35 38.37 -2.04 -2.45
N VAL D 36 38.56 -3.16 -3.14
CA VAL D 36 39.55 -4.15 -2.78
C VAL D 36 40.47 -4.34 -3.97
N ARG D 37 41.71 -4.73 -3.70
CA ARG D 37 42.66 -4.91 -4.78
C ARG D 37 43.40 -6.23 -4.62
N GLN D 38 43.74 -6.79 -5.76
CA GLN D 38 44.46 -8.05 -5.83
C GLN D 38 45.74 -7.79 -6.62
N ALA D 39 46.87 -7.87 -5.94
CA ALA D 39 48.14 -7.77 -6.63
C ALA D 39 48.35 -8.99 -7.52
N PRO D 40 49.14 -8.87 -8.57
CA PRO D 40 49.33 -10.01 -9.47
C PRO D 40 50.04 -11.15 -8.77
N GLY D 41 49.31 -12.24 -8.53
CA GLY D 41 49.87 -13.39 -7.87
C GLY D 41 49.76 -13.41 -6.36
N LYS D 42 49.20 -12.37 -5.76
CA LYS D 42 49.02 -12.31 -4.31
C LYS D 42 47.55 -12.44 -3.97
N GLY D 43 47.28 -12.46 -2.66
CA GLY D 43 45.92 -12.60 -2.19
C GLY D 43 45.17 -11.29 -2.26
N LEU D 44 43.88 -11.38 -1.96
CA LEU D 44 43.04 -10.21 -1.94
C LEU D 44 43.49 -9.29 -0.82
N GLU D 45 43.40 -7.98 -1.06
CA GLU D 45 43.70 -6.98 -0.05
C GLU D 45 42.68 -5.87 -0.13
N TRP D 46 42.09 -5.52 1.00
CA TRP D 46 41.03 -4.54 1.05
C TRP D 46 41.62 -3.13 1.11
N VAL D 47 41.16 -2.25 0.23
CA VAL D 47 41.76 -0.92 0.06
C VAL D 47 41.00 0.14 0.84
N SER D 48 39.74 0.36 0.49
CA SER D 48 38.96 1.41 1.12
C SER D 48 37.49 1.03 1.17
N GLY D 49 36.70 1.84 1.85
CA GLY D 49 35.27 1.59 1.95
C GLY D 49 34.52 2.87 2.21
N ILE D 50 33.26 2.89 1.78
CA ILE D 50 32.40 4.07 1.90
C ILE D 50 30.99 3.63 2.26
N ASN D 51 30.34 4.43 3.09
CA ASN D 51 28.97 4.19 3.51
C ASN D 51 28.01 4.79 2.50
N PRO D 52 26.69 4.63 2.70
CA PRO D 52 25.74 5.23 1.76
C PRO D 52 25.80 6.75 1.69
N SER D 53 25.85 7.44 2.83
CA SER D 53 25.87 8.89 2.81
C SER D 53 27.21 9.46 2.39
N GLY D 54 28.24 8.62 2.30
CA GLY D 54 29.53 9.09 1.84
C GLY D 54 30.33 9.88 2.83
N HIS D 55 29.83 10.07 4.05
CA HIS D 55 30.56 10.85 5.02
C HIS D 55 31.51 10.01 5.85
N ASP D 56 31.39 8.69 5.77
CA ASP D 56 32.25 7.77 6.52
C ASP D 56 33.05 6.96 5.52
N THR D 57 34.34 7.28 5.41
CA THR D 57 35.24 6.60 4.51
C THR D 57 36.39 5.99 5.31
N TYR D 58 36.68 4.73 5.03
CA TYR D 58 37.73 4.00 5.73
C TYR D 58 38.80 3.59 4.74
N TYR D 59 40.06 3.63 5.18
CA TYR D 59 41.20 3.39 4.31
C TYR D 59 42.13 2.36 4.91
N ALA D 60 42.74 1.57 4.03
CA ALA D 60 43.84 0.71 4.44
C ALA D 60 45.06 1.55 4.76
N ASP D 61 45.92 1.01 5.62
CA ASP D 61 47.07 1.78 6.07
C ASP D 61 48.07 2.00 4.95
N SER D 62 48.09 1.13 3.96
CA SER D 62 49.03 1.28 2.87
C SER D 62 48.63 2.37 1.89
N VAL D 63 47.35 2.74 1.86
CA VAL D 63 46.86 3.77 0.95
C VAL D 63 46.23 4.94 1.67
N LYS D 64 46.28 4.98 2.99
CA LYS D 64 45.72 6.09 3.72
C LYS D 64 46.50 7.36 3.44
N GLY D 65 45.80 8.39 3.00
CA GLY D 65 46.43 9.65 2.69
C GLY D 65 46.76 9.86 1.24
N ARG D 66 46.67 8.83 0.41
CA ARG D 66 46.95 8.96 -1.01
C ARG D 66 45.77 8.63 -1.89
N PHE D 67 44.88 7.75 -1.45
CA PHE D 67 43.67 7.41 -2.18
C PHE D 67 42.50 8.13 -1.54
N THR D 68 41.53 8.52 -2.36
CA THR D 68 40.34 9.20 -1.87
C THR D 68 39.12 8.52 -2.46
N ILE D 69 38.21 8.08 -1.59
CA ILE D 69 36.98 7.42 -2.00
C ILE D 69 35.82 8.38 -1.78
N SER D 70 34.97 8.48 -2.79
CA SER D 70 33.81 9.36 -2.73
C SER D 70 32.70 8.75 -3.57
N ARG D 71 31.52 9.35 -3.52
CA ARG D 71 30.41 8.78 -4.24
C ARG D 71 29.46 9.87 -4.72
N ASP D 72 28.90 9.64 -5.90
CA ASP D 72 27.85 10.48 -6.47
C ASP D 72 26.58 9.68 -6.43
N ASN D 73 25.68 10.00 -5.49
CA ASN D 73 24.44 9.26 -5.39
C ASN D 73 23.50 9.57 -6.55
N SER D 74 23.66 10.73 -7.18
CA SER D 74 22.77 11.09 -8.28
C SER D 74 22.98 10.18 -9.48
N LYS D 75 24.20 10.14 -10.00
CA LYS D 75 24.52 9.35 -11.18
C LYS D 75 24.81 7.89 -10.86
N ASP D 76 24.61 7.48 -9.61
CA ASP D 76 24.84 6.11 -9.18
C ASP D 76 26.28 5.69 -9.44
N THR D 77 27.22 6.42 -8.84
CA THR D 77 28.62 6.15 -9.11
C THR D 77 29.44 6.18 -7.83
N LEU D 78 30.46 5.36 -7.80
CA LEU D 78 31.44 5.28 -6.72
C LEU D 78 32.80 5.63 -7.31
N PHE D 79 33.64 6.33 -6.55
CA PHE D 79 34.85 6.92 -7.08
C PHE D 79 36.02 6.64 -6.17
N LEU D 80 37.17 6.33 -6.78
CA LEU D 80 38.43 6.18 -6.07
C LEU D 80 39.51 6.91 -6.86
N GLU D 81 39.95 8.06 -6.39
CA GLU D 81 41.05 8.75 -7.06
C GLU D 81 42.35 8.38 -6.37
N MET D 82 43.41 8.29 -7.16
CA MET D 82 44.71 7.82 -6.72
C MET D 82 45.76 8.86 -7.06
N ASN D 83 46.51 9.29 -6.05
CA ASN D 83 47.56 10.29 -6.20
C ASN D 83 48.84 9.73 -5.63
N SER D 84 49.96 10.09 -6.26
CA SER D 84 51.29 9.66 -5.82
C SER D 84 51.39 8.13 -5.83
N LEU D 85 51.04 7.53 -6.96
CA LEU D 85 51.03 6.08 -7.05
C LEU D 85 52.44 5.52 -6.94
N ARG D 86 52.51 4.28 -6.46
CA ARG D 86 53.75 3.53 -6.35
C ARG D 86 53.60 2.20 -7.07
N ALA D 87 54.73 1.54 -7.33
CA ALA D 87 54.69 0.26 -8.00
C ALA D 87 54.01 -0.80 -7.14
N GLU D 88 53.91 -0.56 -5.83
CA GLU D 88 53.21 -1.50 -4.96
C GLU D 88 51.72 -1.55 -5.24
N ASP D 89 51.16 -0.51 -5.85
CA ASP D 89 49.73 -0.45 -6.09
C ASP D 89 49.32 -1.10 -7.40
N THR D 90 50.25 -1.76 -8.10
CA THR D 90 49.92 -2.48 -9.31
C THR D 90 48.99 -3.62 -8.97
N ALA D 91 47.71 -3.49 -9.32
CA ALA D 91 46.75 -4.48 -8.87
C ALA D 91 45.45 -4.33 -9.64
N GLN D 92 44.60 -5.34 -9.51
CA GLN D 92 43.25 -5.28 -10.03
C GLN D 92 42.33 -4.78 -8.92
N TYR D 93 41.53 -3.76 -9.22
CA TYR D 93 40.68 -3.12 -8.23
C TYR D 93 39.22 -3.45 -8.49
N TYR D 94 38.56 -4.04 -7.51
CA TYR D 94 37.15 -4.37 -7.55
C TYR D 94 36.36 -3.42 -6.65
N CYS D 95 35.14 -3.07 -7.07
CA CYS D 95 34.18 -2.44 -6.19
C CYS D 95 33.16 -3.49 -5.75
N ALA D 96 33.03 -3.67 -4.45
CA ALA D 96 32.14 -4.66 -3.87
C ALA D 96 31.09 -3.98 -3.02
N LYS D 97 29.87 -4.47 -3.12
CA LYS D 97 28.76 -4.01 -2.30
C LYS D 97 28.70 -4.85 -1.04
N LYS D 98 28.62 -4.19 0.11
CA LYS D 98 28.47 -4.89 1.36
C LYS D 98 27.07 -5.48 1.47
N ILE D 99 26.96 -6.61 2.19
CA ILE D 99 25.70 -7.31 2.36
C ILE D 99 24.68 -6.39 2.98
N ASP D 100 23.42 -6.56 2.61
CA ASP D 100 22.32 -5.81 3.22
C ASP D 100 21.30 -6.79 3.77
N PHE D 101 20.59 -6.36 4.79
CA PHE D 101 19.54 -7.14 5.37
C PHE D 101 18.25 -6.33 5.37
N PRO D 102 17.14 -6.91 4.97
CA PRO D 102 15.88 -6.16 4.91
C PRO D 102 15.54 -5.55 6.25
N PHE D 103 14.64 -4.57 6.22
CA PHE D 103 14.42 -3.69 7.36
C PHE D 103 14.11 -4.48 8.64
N ARG D 104 13.03 -5.25 8.61
CA ARG D 104 12.78 -6.25 9.64
C ARG D 104 12.56 -5.69 11.04
N GLY D 105 12.29 -4.41 11.17
CA GLY D 105 11.76 -3.98 12.45
C GLY D 105 12.21 -2.66 13.06
N GLY D 106 13.44 -2.24 12.84
CA GLY D 106 13.88 -0.97 13.40
C GLY D 106 15.10 -1.15 14.28
N ARG D 107 15.52 -0.03 14.90
CA ARG D 107 16.82 0.01 15.53
C ARG D 107 16.83 -0.62 16.92
N ARG D 108 15.66 -0.77 17.55
CA ARG D 108 15.61 -1.52 18.79
C ARG D 108 15.85 -3.00 18.52
N TYR D 109 15.46 -3.44 17.33
CA TYR D 109 15.61 -4.84 16.98
C TYR D 109 16.94 -5.11 16.31
N SER D 110 17.43 -4.17 15.49
CA SER D 110 18.55 -4.42 14.61
C SER D 110 19.90 -4.17 15.25
N ASP D 111 19.95 -3.57 16.44
CA ASP D 111 21.24 -3.38 17.10
C ASP D 111 21.70 -4.62 17.85
N SER D 112 20.86 -5.65 17.93
CA SER D 112 21.29 -6.96 18.42
C SER D 112 21.46 -7.97 17.31
N ARG D 113 21.30 -7.55 16.07
CA ARG D 113 21.45 -8.40 14.90
C ARG D 113 22.78 -8.13 14.22
N PRO D 114 23.31 -9.09 13.51
CA PRO D 114 24.60 -8.88 12.85
C PRO D 114 24.45 -8.26 11.48
N TYR D 115 24.12 -6.98 11.42
CA TYR D 115 23.80 -6.36 10.15
C TYR D 115 24.98 -5.59 9.56
N ASN D 116 25.91 -5.11 10.38
CA ASN D 116 27.09 -4.47 9.83
C ASN D 116 27.95 -5.44 9.03
N THR D 117 28.60 -6.37 9.70
CA THR D 117 29.03 -7.68 9.22
C THR D 117 29.99 -7.66 8.03
N GLY D 118 30.27 -6.49 7.46
CA GLY D 118 31.44 -6.35 6.62
C GLY D 118 31.45 -7.11 5.31
N SER D 119 30.58 -8.12 5.18
CA SER D 119 30.71 -9.07 4.09
C SER D 119 30.31 -8.43 2.78
N LEU D 120 31.01 -8.79 1.72
CA LEU D 120 30.81 -8.22 0.40
C LEU D 120 30.08 -9.22 -0.47
N ASP D 121 28.82 -8.93 -0.77
CA ASP D 121 28.01 -9.91 -1.48
C ASP D 121 28.22 -9.86 -2.98
N SER D 122 28.18 -8.66 -3.55
CA SER D 122 28.34 -8.49 -4.98
C SER D 122 29.67 -7.78 -5.26
N TRP D 123 30.30 -8.17 -6.35
CA TRP D 123 31.59 -7.62 -6.73
C TRP D 123 31.56 -7.27 -8.21
N GLY D 124 32.34 -6.25 -8.58
CA GLY D 124 32.56 -5.94 -9.97
C GLY D 124 33.72 -6.72 -10.51
N GLN D 125 34.05 -6.47 -11.77
CA GLN D 125 35.09 -7.29 -12.38
C GLN D 125 36.47 -6.67 -12.24
N GLY D 126 36.58 -5.48 -11.69
CA GLY D 126 37.87 -4.89 -11.44
C GLY D 126 38.48 -4.25 -12.67
N THR D 127 39.28 -3.24 -12.43
CA THR D 127 40.07 -2.58 -13.44
C THR D 127 41.53 -2.64 -13.01
N LEU D 128 42.41 -2.86 -13.97
CA LEU D 128 43.81 -3.08 -13.65
C LEU D 128 44.57 -1.77 -13.65
N VAL D 129 45.29 -1.51 -12.57
CA VAL D 129 46.13 -0.32 -12.45
C VAL D 129 47.57 -0.78 -12.36
N THR D 130 48.34 -0.50 -13.40
CA THR D 130 49.76 -0.79 -13.43
C THR D 130 50.52 0.50 -13.27
N VAL D 131 51.32 0.60 -12.22
CA VAL D 131 52.10 1.79 -11.92
C VAL D 131 53.53 1.49 -12.33
N SER D 132 53.99 2.14 -13.38
CA SER D 132 55.30 1.83 -13.95
C SER D 132 55.85 3.07 -14.61
N SER D 133 57.08 2.94 -15.10
CA SER D 133 57.77 4.05 -15.76
C SER D 133 57.71 3.92 -17.27
N VAL E 1 -23.89 -0.50 -6.57
CA VAL E 1 -24.79 -0.73 -5.45
C VAL E 1 -26.10 -1.29 -5.94
N GLN E 2 -26.38 -2.56 -5.63
CA GLN E 2 -27.67 -3.16 -5.96
C GLN E 2 -28.33 -3.62 -4.67
N LEU E 3 -29.58 -3.24 -4.47
CA LEU E 3 -30.37 -3.59 -3.30
C LEU E 3 -31.65 -4.28 -3.75
N LEU E 4 -31.80 -5.55 -3.42
CA LEU E 4 -32.90 -6.37 -3.89
C LEU E 4 -33.82 -6.73 -2.74
N GLU E 5 -35.07 -6.36 -2.87
CA GLU E 5 -36.05 -6.54 -1.80
C GLU E 5 -37.10 -7.59 -2.15
N SER E 6 -37.55 -8.28 -1.11
CA SER E 6 -38.46 -9.40 -1.26
C SER E 6 -39.26 -9.58 0.00
N GLY E 7 -40.36 -10.31 -0.12
CA GLY E 7 -41.17 -10.68 1.02
C GLY E 7 -42.55 -10.10 1.02
N GLY E 8 -42.87 -9.20 0.09
CA GLY E 8 -44.15 -8.53 0.13
C GLY E 8 -45.26 -9.46 -0.31
N ALA E 9 -46.29 -9.60 0.50
CA ALA E 9 -47.43 -10.42 0.13
C ALA E 9 -48.66 -9.91 0.86
N LEU E 10 -49.82 -10.40 0.44
CA LEU E 10 -51.07 -10.01 1.06
C LEU E 10 -51.11 -10.53 2.48
N VAL E 11 -51.37 -9.64 3.42
CA VAL E 11 -51.39 -9.98 4.83
C VAL E 11 -52.76 -9.65 5.40
N HIS E 12 -53.31 -10.57 6.18
CA HIS E 12 -54.54 -10.30 6.90
C HIS E 12 -54.34 -9.11 7.84
N PRO E 13 -55.34 -8.27 7.99
CA PRO E 13 -55.21 -7.14 8.93
C PRO E 13 -54.89 -7.65 10.32
N GLY E 14 -53.72 -7.28 10.80
CA GLY E 14 -53.23 -7.77 12.08
C GLY E 14 -52.22 -8.88 11.99
N GLY E 15 -51.92 -9.38 10.79
CA GLY E 15 -50.97 -10.45 10.61
C GLY E 15 -49.54 -9.98 10.78
N SER E 16 -48.65 -10.60 9.98
CA SER E 16 -47.24 -10.25 10.02
C SER E 16 -46.60 -10.57 8.67
N LEU E 17 -45.45 -9.94 8.44
CA LEU E 17 -44.69 -10.14 7.23
C LEU E 17 -43.24 -9.76 7.54
N ARG E 18 -42.35 -10.06 6.60
CA ARG E 18 -40.93 -9.78 6.80
C ARG E 18 -40.30 -9.48 5.44
N LEU E 19 -39.93 -8.23 5.24
CA LEU E 19 -39.34 -7.76 3.99
C LEU E 19 -37.82 -7.73 4.13
N SER E 20 -37.12 -8.35 3.19
CA SER E 20 -35.68 -8.40 3.22
C SER E 20 -35.10 -7.64 2.05
N CYS E 21 -33.92 -7.05 2.26
CA CYS E 21 -33.21 -6.26 1.27
C CYS E 21 -31.76 -6.76 1.25
N ALA E 22 -31.42 -7.54 0.24
CA ALA E 22 -30.10 -8.12 0.08
C ALA E 22 -29.25 -7.20 -0.79
N ALA E 23 -28.05 -6.88 -0.32
CA ALA E 23 -27.21 -5.90 -0.96
C ALA E 23 -26.02 -6.57 -1.61
N SER E 24 -25.58 -6.01 -2.74
CA SER E 24 -24.43 -6.53 -3.44
C SER E 24 -23.72 -5.41 -4.16
N GLY E 25 -22.40 -5.48 -4.17
CA GLY E 25 -21.57 -4.57 -4.92
C GLY E 25 -20.89 -3.48 -4.12
N PHE E 26 -21.04 -3.46 -2.80
CA PHE E 26 -20.44 -2.43 -1.98
C PHE E 26 -20.29 -2.98 -0.57
N THR E 27 -19.51 -2.29 0.24
CA THR E 27 -19.34 -2.70 1.63
C THR E 27 -20.64 -2.44 2.36
N PHE E 28 -21.45 -3.48 2.53
CA PHE E 28 -22.73 -3.33 3.20
C PHE E 28 -22.56 -2.92 4.64
N SER E 29 -21.48 -3.35 5.27
CA SER E 29 -21.31 -3.13 6.70
C SER E 29 -21.19 -1.66 7.06
N SER E 30 -20.82 -0.80 6.11
CA SER E 30 -20.55 0.59 6.41
C SER E 30 -21.59 1.55 5.84
N SER E 31 -22.77 1.05 5.49
CA SER E 31 -23.79 1.85 4.83
C SER E 31 -25.04 1.89 5.69
N SER E 32 -25.57 3.10 5.90
CA SER E 32 -26.86 3.25 6.54
C SER E 32 -27.97 3.03 5.53
N PHE E 33 -29.08 2.49 6.00
CA PHE E 33 -30.19 2.18 5.12
C PHE E 33 -31.48 2.74 5.70
N SER E 34 -32.51 2.77 4.86
CA SER E 34 -33.79 3.28 5.28
C SER E 34 -34.87 2.58 4.45
N TRP E 35 -36.01 2.35 5.08
CA TRP E 35 -37.17 1.83 4.40
C TRP E 35 -38.16 2.98 4.20
N VAL E 36 -38.55 3.19 2.95
CA VAL E 36 -39.54 4.20 2.60
C VAL E 36 -40.69 3.50 1.89
N ARG E 37 -41.87 4.07 2.00
CA ARG E 37 -43.02 3.45 1.36
C ARG E 37 -43.82 4.49 0.60
N GLN E 38 -44.43 4.03 -0.48
CA GLN E 38 -45.25 4.85 -1.35
C GLN E 38 -46.62 4.20 -1.40
N ALA E 39 -47.62 4.88 -0.83
CA ALA E 39 -48.98 4.40 -0.94
C ALA E 39 -49.44 4.53 -2.39
N PRO E 40 -50.42 3.73 -2.81
CA PRO E 40 -50.87 3.80 -4.21
C PRO E 40 -51.52 5.14 -4.50
N GLY E 41 -50.86 5.95 -5.31
CA GLY E 41 -51.37 7.26 -5.68
C GLY E 41 -50.98 8.40 -4.77
N LYS E 42 -50.23 8.13 -3.70
CA LYS E 42 -49.79 9.17 -2.79
C LYS E 42 -48.28 9.38 -2.93
N GLY E 43 -47.77 10.35 -2.20
CA GLY E 43 -46.37 10.67 -2.25
C GLY E 43 -45.53 9.72 -1.44
N LEU E 44 -44.23 9.88 -1.57
CA LEU E 44 -43.29 9.06 -0.81
C LEU E 44 -43.45 9.36 0.66
N GLU E 45 -43.30 8.33 1.49
CA GLU E 45 -43.32 8.48 2.93
C GLU E 45 -42.25 7.61 3.53
N TRP E 46 -41.43 8.19 4.40
CA TRP E 46 -40.30 7.48 4.98
C TRP E 46 -40.75 6.68 6.19
N VAL E 47 -40.39 5.40 6.24
CA VAL E 47 -40.90 4.48 7.25
C VAL E 47 -39.93 4.31 8.40
N SER E 48 -38.73 3.79 8.11
CA SER E 48 -37.76 3.51 9.16
C SER E 48 -36.35 3.67 8.63
N GLY E 49 -35.38 3.58 9.52
CA GLY E 49 -33.98 3.69 9.13
C GLY E 49 -33.10 2.98 10.12
N ILE E 50 -31.94 2.53 9.64
CA ILE E 50 -30.99 1.78 10.45
C ILE E 50 -29.57 2.21 10.08
N ASN E 51 -28.70 2.26 11.09
CA ASN E 51 -27.31 2.62 10.91
C ASN E 51 -26.50 1.37 10.54
N PRO E 52 -25.20 1.51 10.31
CA PRO E 52 -24.39 0.31 10.01
C PRO E 52 -24.34 -0.71 11.12
N SER E 53 -24.12 -0.29 12.36
CA SER E 53 -24.01 -1.23 13.47
C SER E 53 -25.37 -1.80 13.88
N GLY E 54 -26.46 -1.23 13.39
CA GLY E 54 -27.77 -1.76 13.69
C GLY E 54 -28.30 -1.45 15.06
N HIS E 55 -27.56 -0.70 15.87
CA HIS E 55 -28.03 -0.39 17.21
C HIS E 55 -28.87 0.87 17.25
N ASP E 56 -28.87 1.65 16.18
CA ASP E 56 -29.65 2.88 16.11
C ASP E 56 -30.70 2.72 15.02
N THR E 57 -31.94 2.56 15.43
CA THR E 57 -33.06 2.39 14.52
C THR E 57 -34.08 3.49 14.77
N TYR E 58 -34.53 4.12 13.69
CA TYR E 58 -35.48 5.22 13.77
C TYR E 58 -36.75 4.84 13.04
N TYR E 59 -37.89 5.26 13.58
CA TYR E 59 -39.18 4.86 13.06
C TYR E 59 -40.07 6.06 12.83
N ALA E 60 -40.91 5.97 11.80
CA ALA E 60 -41.96 6.93 11.60
C ALA E 60 -43.03 6.75 12.67
N ASP E 61 -43.76 7.83 12.95
CA ASP E 61 -44.73 7.77 14.03
C ASP E 61 -45.91 6.87 13.68
N SER E 62 -46.18 6.69 12.40
CA SER E 62 -47.30 5.85 12.02
C SER E 62 -47.00 4.36 12.15
N VAL E 63 -45.73 3.98 12.18
CA VAL E 63 -45.33 2.59 12.30
C VAL E 63 -44.49 2.32 13.53
N LYS E 64 -44.28 3.31 14.39
CA LYS E 64 -43.49 3.08 15.59
C LYS E 64 -44.20 2.13 16.52
N GLY E 65 -43.51 1.06 16.90
CA GLY E 65 -44.09 0.06 17.78
C GLY E 65 -44.68 -1.14 17.09
N ARG E 66 -44.83 -1.11 15.78
CA ARG E 66 -45.37 -2.24 15.04
C ARG E 66 -44.39 -2.80 14.02
N PHE E 67 -43.51 -1.98 13.48
CA PHE E 67 -42.51 -2.42 12.54
C PHE E 67 -41.18 -2.52 13.27
N THR E 68 -40.35 -3.48 12.86
CA THR E 68 -39.03 -3.66 13.45
C THR E 68 -38.00 -3.78 12.36
N ILE E 69 -37.00 -2.91 12.39
CA ILE E 69 -35.93 -2.91 11.41
C ILE E 69 -34.67 -3.48 12.06
N SER E 70 -34.02 -4.39 11.35
CA SER E 70 -32.79 -5.01 11.84
C SER E 70 -31.93 -5.35 10.64
N ARG E 71 -30.71 -5.82 10.92
CA ARG E 71 -29.80 -6.10 9.82
C ARG E 71 -28.88 -7.25 10.18
N ASP E 72 -28.56 -8.04 9.17
CA ASP E 72 -27.58 -9.13 9.26
C ASP E 72 -26.39 -8.69 8.43
N ASN E 73 -25.31 -8.27 9.10
CA ASN E 73 -24.14 -7.83 8.37
C ASN E 73 -23.42 -8.99 7.71
N SER E 74 -23.59 -10.21 8.22
CA SER E 74 -22.91 -11.35 7.65
C SER E 74 -23.42 -11.66 6.25
N LYS E 75 -24.71 -11.91 6.12
CA LYS E 75 -25.31 -12.27 4.84
C LYS E 75 -25.66 -11.06 4.00
N ASP E 76 -25.26 -9.86 4.41
CA ASP E 76 -25.52 -8.63 3.68
C ASP E 76 -27.01 -8.44 3.47
N THR E 77 -27.75 -8.36 4.58
CA THR E 77 -29.19 -8.27 4.47
C THR E 77 -29.74 -7.23 5.44
N LEU E 78 -30.82 -6.58 5.02
CA LEU E 78 -31.57 -5.62 5.82
C LEU E 78 -32.99 -6.16 5.97
N PHE E 79 -33.61 -5.96 7.12
CA PHE E 79 -34.84 -6.65 7.45
C PHE E 79 -35.84 -5.67 8.04
N LEU E 80 -37.10 -5.82 7.65
CA LEU E 80 -38.22 -5.07 8.20
C LEU E 80 -39.36 -6.04 8.46
N GLU E 81 -39.61 -6.39 9.71
CA GLU E 81 -40.75 -7.23 10.02
C GLU E 81 -41.93 -6.36 10.42
N MET E 82 -43.12 -6.79 10.05
CA MET E 82 -44.35 -6.04 10.20
C MET E 82 -45.35 -6.87 10.98
N ASN E 83 -45.86 -6.31 12.08
CA ASN E 83 -46.83 -6.98 12.92
C ASN E 83 -48.03 -6.07 13.09
N SER E 84 -49.21 -6.68 13.18
CA SER E 84 -50.45 -5.94 13.37
C SER E 84 -50.69 -4.95 12.24
N LEU E 85 -50.60 -5.45 11.01
CA LEU E 85 -50.74 -4.58 9.85
C LEU E 85 -52.14 -4.02 9.74
N ARG E 86 -52.22 -2.84 9.12
CA ARG E 86 -53.47 -2.15 8.85
C ARG E 86 -53.56 -1.86 7.36
N ALA E 87 -54.78 -1.53 6.91
CA ALA E 87 -54.97 -1.22 5.50
C ALA E 87 -54.24 0.06 5.11
N GLU E 88 -53.87 0.89 6.09
CA GLU E 88 -53.11 2.09 5.80
C GLU E 88 -51.70 1.77 5.30
N ASP E 89 -51.18 0.59 5.62
CA ASP E 89 -49.83 0.23 5.24
C ASP E 89 -49.73 -0.38 3.85
N THR E 90 -50.82 -0.39 3.10
CA THR E 90 -50.79 -0.89 1.73
C THR E 90 -49.91 0.04 0.91
N ALA E 91 -48.71 -0.43 0.54
CA ALA E 91 -47.77 0.45 -0.10
C ALA E 91 -46.63 -0.35 -0.71
N GLN E 92 -45.85 0.32 -1.55
CA GLN E 92 -44.62 -0.23 -2.08
C GLN E 92 -43.47 0.20 -1.18
N TYR E 93 -42.67 -0.76 -0.74
CA TYR E 93 -41.60 -0.50 0.20
C TYR E 93 -40.25 -0.63 -0.48
N TYR E 94 -39.47 0.45 -0.43
CA TYR E 94 -38.11 0.50 -0.97
C TYR E 94 -37.10 0.49 0.17
N CYS E 95 -35.96 -0.15 -0.07
CA CYS E 95 -34.79 0.01 0.78
C CYS E 95 -33.81 0.93 0.06
N ALA E 96 -33.44 2.02 0.72
CA ALA E 96 -32.55 3.01 0.17
C ALA E 96 -31.30 3.12 1.02
N LYS E 97 -30.16 3.25 0.36
CA LYS E 97 -28.89 3.47 1.02
C LYS E 97 -28.66 4.97 1.16
N LYS E 98 -28.31 5.40 2.35
CA LYS E 98 -27.98 6.80 2.57
C LYS E 98 -26.63 7.13 1.94
N ILE E 99 -26.50 8.39 1.51
CA ILE E 99 -25.28 8.85 0.85
C ILE E 99 -24.08 8.63 1.75
N ASP E 100 -22.93 8.35 1.15
CA ASP E 100 -21.69 8.23 1.90
C ASP E 100 -20.68 9.19 1.31
N PHE E 101 -19.75 9.62 2.15
CA PHE E 101 -18.67 10.47 1.72
C PHE E 101 -17.35 9.82 2.09
N PRO E 102 -16.38 9.80 1.19
CA PRO E 102 -15.09 9.14 1.50
C PRO E 102 -14.46 9.73 2.73
N PHE E 103 -13.51 8.99 3.30
CA PHE E 103 -12.99 9.28 4.62
C PHE E 103 -12.51 10.71 4.76
N ARG E 104 -11.53 11.11 3.97
CA ARG E 104 -11.16 12.50 3.80
C ARG E 104 -10.65 13.19 5.05
N GLY E 105 -10.25 12.43 6.06
CA GLY E 105 -9.46 13.07 7.09
C GLY E 105 -9.67 12.73 8.55
N GLY E 106 -10.87 12.40 8.97
CA GLY E 106 -11.10 12.06 10.35
C GLY E 106 -12.14 12.95 11.00
N ARG E 107 -12.34 12.73 12.30
CA ARG E 107 -13.49 13.31 12.99
C ARG E 107 -13.28 14.77 13.37
N ARG E 108 -12.04 15.23 13.43
CA ARG E 108 -11.82 16.66 13.63
C ARG E 108 -12.22 17.42 12.38
N TYR E 109 -12.11 16.77 11.23
CA TYR E 109 -12.44 17.42 9.97
C TYR E 109 -13.89 17.20 9.60
N SER E 110 -14.44 16.03 9.89
CA SER E 110 -15.73 15.62 9.36
C SER E 110 -16.91 16.07 10.20
N ASP E 111 -16.69 16.59 11.41
CA ASP E 111 -17.80 17.09 12.19
C ASP E 111 -18.21 18.51 11.82
N SER E 112 -17.46 19.15 10.93
CA SER E 112 -17.89 20.40 10.32
C SER E 112 -18.36 20.23 8.89
N ARG E 113 -18.40 19.00 8.39
CA ARG E 113 -18.84 18.68 7.06
C ARG E 113 -20.24 18.11 7.08
N PRO E 114 -20.98 18.23 6.01
CA PRO E 114 -22.34 17.72 5.99
C PRO E 114 -22.41 16.27 5.59
N TYR E 115 -21.98 15.37 6.47
CA TYR E 115 -21.87 13.98 6.09
C TYR E 115 -23.06 13.14 6.51
N ASN E 116 -23.78 13.53 7.55
CA ASN E 116 -24.99 12.82 7.93
C ASN E 116 -26.06 12.91 6.85
N THR E 117 -26.65 14.09 6.68
CA THR E 117 -27.26 14.60 5.46
C THR E 117 -28.43 13.78 4.93
N GLY E 118 -28.71 12.62 5.50
CA GLY E 118 -30.01 12.00 5.30
C GLY E 118 -30.33 11.50 3.90
N SER E 119 -29.59 11.97 2.90
CA SER E 119 -30.00 11.77 1.52
C SER E 119 -29.80 10.32 1.12
N LEU E 120 -30.73 9.82 0.31
CA LEU E 120 -30.73 8.42 -0.11
C LEU E 120 -30.26 8.35 -1.55
N ASP E 121 -29.07 7.81 -1.76
CA ASP E 121 -28.48 7.85 -3.09
C ASP E 121 -28.98 6.68 -3.94
N SER E 122 -28.94 5.47 -3.40
CA SER E 122 -29.36 4.29 -4.13
C SER E 122 -30.64 3.75 -3.53
N TRP E 123 -31.50 3.23 -4.38
CA TRP E 123 -32.80 2.71 -3.98
C TRP E 123 -33.02 1.36 -4.62
N GLY E 124 -33.76 0.49 -3.94
CA GLY E 124 -34.21 -0.75 -4.53
C GLY E 124 -35.52 -0.54 -5.24
N GLN E 125 -36.05 -1.64 -5.78
CA GLN E 125 -37.26 -1.47 -6.58
C GLN E 125 -38.53 -1.63 -5.78
N GLY E 126 -38.44 -1.97 -4.51
CA GLY E 126 -39.60 -2.04 -3.66
C GLY E 126 -40.38 -3.33 -3.84
N THR E 127 -41.03 -3.73 -2.75
CA THR E 127 -41.95 -4.86 -2.76
C THR E 127 -43.28 -4.35 -2.26
N LEU E 128 -44.36 -4.85 -2.85
CA LEU E 128 -45.69 -4.35 -2.57
C LEU E 128 -46.31 -5.13 -1.43
N VAL E 129 -46.80 -4.41 -0.43
CA VAL E 129 -47.49 -5.00 0.71
C VAL E 129 -48.92 -4.50 0.68
N THR E 130 -49.85 -5.40 0.38
CA THR E 130 -51.27 -5.10 0.41
C THR E 130 -51.88 -5.75 1.64
N VAL E 131 -52.45 -4.94 2.51
CA VAL E 131 -53.06 -5.41 3.74
C VAL E 131 -54.57 -5.40 3.54
N SER E 132 -55.16 -6.57 3.46
CA SER E 132 -56.57 -6.67 3.10
C SER E 132 -57.14 -7.93 3.73
N SER E 133 -58.44 -8.11 3.57
CA SER E 133 -59.15 -9.25 4.12
C SER E 133 -59.38 -10.32 3.07
N ASP F 1 -43.73 17.78 13.10
CA ASP F 1 -42.38 17.87 12.55
C ASP F 1 -42.33 18.77 11.32
N ILE F 2 -41.37 18.52 10.45
CA ILE F 2 -41.16 19.36 9.28
C ILE F 2 -42.15 18.98 8.20
N VAL F 3 -42.88 19.97 7.70
CA VAL F 3 -43.80 19.79 6.58
C VAL F 3 -43.26 20.55 5.39
N MET F 4 -43.11 19.87 4.27
CA MET F 4 -42.50 20.46 3.09
C MET F 4 -43.58 20.68 2.05
N SER F 5 -44.01 21.93 1.89
CA SER F 5 -44.97 22.26 0.86
C SER F 5 -44.20 22.52 -0.42
N GLN F 6 -44.84 22.27 -1.54
CA GLN F 6 -44.22 22.51 -2.83
C GLN F 6 -45.15 23.33 -3.71
N SER F 7 -44.57 23.95 -4.73
CA SER F 7 -45.32 24.71 -5.68
C SER F 7 -44.62 24.57 -7.03
N PRO F 8 -45.36 24.39 -8.11
CA PRO F 8 -46.80 24.19 -8.05
C PRO F 8 -47.12 22.72 -7.92
N VAL F 9 -48.40 22.35 -7.89
CA VAL F 9 -48.74 20.94 -7.91
C VAL F 9 -48.36 20.32 -9.25
N SER F 10 -48.53 21.08 -10.34
CA SER F 10 -48.11 20.65 -11.66
C SER F 10 -47.45 21.82 -12.38
N LEU F 11 -46.32 21.55 -13.03
CA LEU F 11 -45.54 22.59 -13.71
C LEU F 11 -45.48 22.26 -15.19
N PRO F 12 -46.32 22.87 -16.01
CA PRO F 12 -46.29 22.64 -17.46
C PRO F 12 -45.24 23.52 -18.13
N VAL F 13 -44.35 22.89 -18.88
CA VAL F 13 -43.19 23.57 -19.46
C VAL F 13 -42.98 23.07 -20.89
N THR F 14 -42.28 23.86 -21.69
CA THR F 14 -41.89 23.38 -23.01
C THR F 14 -40.46 22.85 -22.96
N PRO F 15 -40.15 21.82 -23.76
CA PRO F 15 -38.78 21.32 -23.77
C PRO F 15 -37.80 22.41 -24.15
N GLY F 16 -36.81 22.63 -23.29
CA GLY F 16 -35.85 23.68 -23.47
C GLY F 16 -36.06 24.89 -22.60
N GLU F 17 -37.18 25.04 -22.05
CA GLU F 17 -37.33 26.31 -21.36
C GLU F 17 -37.17 26.11 -19.86
N PRO F 18 -36.42 26.99 -19.20
CA PRO F 18 -36.01 26.71 -17.81
C PRO F 18 -37.19 26.75 -16.85
N ALA F 19 -37.26 25.72 -16.00
CA ALA F 19 -38.39 25.52 -15.09
C ALA F 19 -37.92 25.69 -13.66
N SER F 20 -38.79 26.25 -12.83
CA SER F 20 -38.49 26.53 -11.44
C SER F 20 -39.55 25.90 -10.55
N ILE F 21 -39.12 24.96 -9.72
CA ILE F 21 -39.98 24.25 -8.79
C ILE F 21 -39.62 24.72 -7.39
N SER F 22 -40.56 25.35 -6.70
CA SER F 22 -40.29 25.88 -5.39
C SER F 22 -40.71 24.87 -4.33
N CYS F 23 -39.96 24.85 -3.24
CA CYS F 23 -40.27 24.03 -2.09
C CYS F 23 -40.03 24.87 -0.85
N ARG F 24 -41.01 24.89 0.05
CA ARG F 24 -40.89 25.68 1.25
C ARG F 24 -41.06 24.78 2.46
N SER F 25 -40.14 24.90 3.40
CA SER F 25 -40.14 24.11 4.62
C SER F 25 -40.67 24.92 5.79
N SER F 26 -41.38 24.25 6.69
CA SER F 26 -41.88 24.92 7.88
C SER F 26 -40.76 25.32 8.82
N GLN F 27 -39.66 24.58 8.84
CA GLN F 27 -38.49 24.96 9.62
C GLN F 27 -37.37 25.31 8.67
N SER F 28 -36.43 26.11 9.15
CA SER F 28 -35.32 26.51 8.30
C SER F 28 -34.36 25.35 8.10
N LEU F 29 -34.11 25.01 6.84
CA LEU F 29 -33.23 23.92 6.48
C LEU F 29 -31.78 24.37 6.32
N LEU F 30 -31.43 25.54 6.85
CA LEU F 30 -30.05 25.98 6.90
C LEU F 30 -29.39 25.37 8.12
N HIS F 31 -28.40 24.51 7.91
CA HIS F 31 -27.66 23.97 9.03
C HIS F 31 -26.49 24.88 9.37
N SER F 32 -25.89 24.64 10.53
CA SER F 32 -24.78 25.45 10.95
C SER F 32 -23.58 25.32 10.02
N ASN F 33 -23.44 24.19 9.34
CA ASN F 33 -22.30 23.99 8.47
C ASN F 33 -22.40 24.77 7.18
N GLY F 34 -23.47 25.54 7.00
CA GLY F 34 -23.64 26.34 5.81
C GLY F 34 -24.36 25.65 4.69
N TYR F 35 -24.65 24.36 4.82
CA TYR F 35 -25.33 23.61 3.79
C TYR F 35 -26.81 23.50 4.11
N ASN F 36 -27.62 23.48 3.06
CA ASN F 36 -29.06 23.34 3.18
C ASN F 36 -29.39 21.86 3.03
N TYR F 37 -29.75 21.22 4.13
CA TYR F 37 -30.03 19.79 4.13
C TYR F 37 -31.36 19.51 3.46
N VAL F 38 -31.46 19.82 2.18
CA VAL F 38 -32.64 19.54 1.39
C VAL F 38 -32.21 18.76 0.17
N ASP F 39 -32.91 17.69 -0.13
CA ASP F 39 -32.61 16.88 -1.29
C ASP F 39 -33.76 16.96 -2.27
N TRP F 40 -33.43 16.83 -3.54
CA TRP F 40 -34.42 16.82 -4.61
C TRP F 40 -34.35 15.46 -5.27
N TYR F 41 -35.44 14.72 -5.17
CA TYR F 41 -35.58 13.40 -5.76
C TYR F 41 -36.51 13.46 -6.96
N LEU F 42 -36.22 12.62 -7.94
CA LEU F 42 -37.04 12.48 -9.12
C LEU F 42 -37.57 11.06 -9.17
N GLN F 43 -38.87 10.90 -8.96
CA GLN F 43 -39.53 9.63 -9.22
C GLN F 43 -40.16 9.72 -10.59
N LYS F 44 -39.62 8.99 -11.52
CA LYS F 44 -40.21 8.97 -12.83
C LYS F 44 -41.40 8.03 -12.83
N PRO F 45 -42.27 8.12 -13.85
CA PRO F 45 -43.44 7.23 -13.88
C PRO F 45 -43.01 5.77 -14.00
N GLY F 46 -43.22 5.03 -12.92
CA GLY F 46 -42.99 3.60 -12.91
C GLY F 46 -41.64 3.15 -12.42
N GLN F 47 -40.88 4.01 -11.74
CA GLN F 47 -39.54 3.65 -11.31
C GLN F 47 -39.39 4.02 -9.84
N SER F 48 -38.27 3.58 -9.28
CA SER F 48 -37.94 3.92 -7.92
C SER F 48 -37.32 5.31 -7.87
N PRO F 49 -37.52 6.04 -6.78
CA PRO F 49 -36.96 7.39 -6.69
C PRO F 49 -35.45 7.38 -6.81
N GLN F 50 -34.93 8.42 -7.46
CA GLN F 50 -33.50 8.60 -7.64
C GLN F 50 -33.09 9.99 -7.19
N LEU F 51 -31.96 10.07 -6.50
CA LEU F 51 -31.49 11.33 -5.94
C LEU F 51 -30.92 12.22 -7.04
N LEU F 52 -31.54 13.37 -7.26
CA LEU F 52 -31.00 14.36 -8.19
C LEU F 52 -30.05 15.30 -7.49
N LEU F 53 -30.54 16.03 -6.50
CA LEU F 53 -29.72 17.01 -5.80
C LEU F 53 -29.68 16.67 -4.33
N TYR F 54 -28.55 16.96 -3.71
CA TYR F 54 -28.47 16.83 -2.26
C TYR F 54 -27.68 18.01 -1.73
N LEU F 55 -27.97 18.35 -0.48
CA LEU F 55 -27.34 19.49 0.17
C LEU F 55 -27.56 20.77 -0.62
N GLY F 56 -28.81 21.04 -0.94
CA GLY F 56 -29.16 22.25 -1.63
C GLY F 56 -28.85 22.25 -3.11
N SER F 57 -27.56 22.31 -3.45
CA SER F 57 -27.17 22.54 -4.83
C SER F 57 -26.29 21.44 -5.42
N ASN F 58 -25.80 20.51 -4.61
CA ASN F 58 -24.87 19.50 -5.12
C ASN F 58 -25.61 18.47 -5.93
N ARG F 59 -24.96 18.00 -6.99
CA ARG F 59 -25.56 17.02 -7.88
C ARG F 59 -25.05 15.63 -7.53
N ALA F 60 -25.94 14.65 -7.69
CA ALA F 60 -25.61 13.27 -7.38
C ALA F 60 -24.90 12.64 -8.57
N ALA F 61 -24.69 11.33 -8.51
CA ALA F 61 -23.96 10.63 -9.55
C ALA F 61 -24.80 10.56 -10.81
N GLY F 62 -24.30 11.14 -11.90
CA GLY F 62 -24.99 11.08 -13.17
C GLY F 62 -26.00 12.16 -13.40
N VAL F 63 -26.10 13.14 -12.53
CA VAL F 63 -27.05 14.24 -12.74
C VAL F 63 -26.42 15.27 -13.67
N PRO F 64 -27.03 15.56 -14.82
CA PRO F 64 -26.47 16.58 -15.71
C PRO F 64 -26.52 17.95 -15.07
N ASP F 65 -25.72 18.87 -15.63
CA ASP F 65 -25.57 20.20 -15.07
C ASP F 65 -26.80 21.06 -15.25
N ARG F 66 -27.83 20.59 -15.95
CA ARG F 66 -29.02 21.40 -16.12
C ARG F 66 -29.84 21.47 -14.85
N PHE F 67 -29.70 20.49 -13.96
CA PHE F 67 -30.37 20.54 -12.67
C PHE F 67 -29.56 21.41 -11.73
N SER F 68 -30.18 22.45 -11.19
CA SER F 68 -29.52 23.35 -10.27
C SER F 68 -30.39 23.52 -9.05
N GLY F 69 -29.74 23.67 -7.91
CA GLY F 69 -30.43 23.96 -6.66
C GLY F 69 -30.13 25.38 -6.26
N SER F 70 -31.18 26.14 -5.99
CA SER F 70 -31.03 27.51 -5.57
C SER F 70 -31.84 27.70 -4.31
N GLY F 71 -31.71 28.87 -3.71
CA GLY F 71 -32.49 29.18 -2.54
C GLY F 71 -31.86 28.63 -1.28
N SER F 72 -32.45 29.03 -0.17
CA SER F 72 -31.86 28.72 1.13
C SER F 72 -32.87 28.99 2.22
N GLY F 73 -32.44 28.73 3.44
CA GLY F 73 -33.16 29.10 4.63
C GLY F 73 -34.37 28.21 4.81
N THR F 74 -35.43 28.53 4.05
CA THR F 74 -36.65 27.74 4.03
C THR F 74 -37.21 27.52 2.65
N ASP F 75 -36.82 28.30 1.64
CA ASP F 75 -37.41 28.18 0.31
C ASP F 75 -36.30 27.88 -0.69
N PHE F 76 -36.51 26.83 -1.47
CA PHE F 76 -35.51 26.30 -2.36
C PHE F 76 -36.13 26.10 -3.73
N THR F 77 -35.31 26.22 -4.76
CA THR F 77 -35.81 26.15 -6.12
C THR F 77 -35.00 25.16 -6.92
N LEU F 78 -35.68 24.18 -7.48
CA LEU F 78 -35.10 23.29 -8.47
C LEU F 78 -35.21 24.00 -9.80
N LYS F 79 -34.09 24.33 -10.40
CA LYS F 79 -34.07 25.02 -11.69
C LYS F 79 -33.55 24.06 -12.73
N ILE F 80 -34.39 23.75 -13.71
CA ILE F 80 -34.00 22.92 -14.83
C ILE F 80 -33.71 23.88 -15.99
N SER F 81 -32.44 23.97 -16.38
CA SER F 81 -32.04 24.93 -17.40
C SER F 81 -32.70 24.66 -18.73
N ARG F 82 -32.60 23.42 -19.20
CA ARG F 82 -33.17 23.03 -20.49
C ARG F 82 -33.95 21.74 -20.27
N VAL F 83 -35.26 21.87 -20.10
CA VAL F 83 -36.08 20.71 -19.81
C VAL F 83 -36.07 19.78 -21.02
N GLU F 84 -35.71 18.54 -20.79
CA GLU F 84 -35.74 17.53 -21.83
C GLU F 84 -36.98 16.67 -21.65
N ALA F 85 -37.06 15.58 -22.42
CA ALA F 85 -38.16 14.66 -22.26
C ALA F 85 -37.86 13.62 -21.18
N GLU F 86 -36.60 13.50 -20.76
CA GLU F 86 -36.22 12.54 -19.74
C GLU F 86 -36.54 13.02 -18.34
N ASP F 87 -36.91 14.28 -18.19
CA ASP F 87 -37.07 14.87 -16.86
C ASP F 87 -38.50 14.87 -16.37
N VAL F 88 -39.44 14.35 -17.16
CA VAL F 88 -40.84 14.33 -16.75
C VAL F 88 -40.97 13.44 -15.52
N GLY F 89 -41.84 13.85 -14.60
CA GLY F 89 -42.05 13.01 -13.44
C GLY F 89 -42.34 13.83 -12.21
N VAL F 90 -42.34 13.16 -11.07
CA VAL F 90 -42.70 13.78 -9.80
C VAL F 90 -41.43 14.13 -9.07
N TYR F 91 -41.27 15.41 -8.77
CA TYR F 91 -40.11 15.91 -8.05
C TYR F 91 -40.50 16.13 -6.60
N TYR F 92 -39.81 15.45 -5.70
CA TYR F 92 -40.05 15.57 -4.27
C TYR F 92 -38.89 16.33 -3.67
N CYS F 93 -39.21 17.27 -2.79
CA CYS F 93 -38.20 17.89 -1.96
C CYS F 93 -38.26 17.22 -0.61
N MET F 94 -37.23 16.46 -0.28
CA MET F 94 -37.16 15.76 0.97
C MET F 94 -36.30 16.57 1.93
N GLN F 95 -36.83 16.79 3.12
CA GLN F 95 -36.02 17.33 4.18
C GLN F 95 -35.11 16.23 4.69
N ALA F 96 -33.83 16.52 4.82
CA ALA F 96 -32.85 15.56 5.25
C ALA F 96 -32.23 15.93 6.57
N LEU F 97 -32.75 16.97 7.21
CA LEU F 97 -32.13 17.49 8.42
C LEU F 97 -32.36 16.56 9.60
N GLN F 98 -33.54 15.98 9.69
CA GLN F 98 -33.87 15.21 10.88
C GLN F 98 -34.94 14.18 10.54
N THR F 99 -34.95 13.09 11.33
CA THR F 99 -35.93 12.03 11.27
C THR F 99 -37.15 12.40 12.11
N PRO F 100 -38.36 12.08 11.67
CA PRO F 100 -38.70 11.35 10.44
C PRO F 100 -38.56 12.17 9.18
N TYR F 101 -37.79 11.65 8.24
CA TYR F 101 -37.56 12.35 6.99
C TYR F 101 -38.88 12.53 6.25
N THR F 102 -39.30 13.78 6.11
CA THR F 102 -40.57 14.12 5.49
C THR F 102 -40.35 14.57 4.05
N PHE F 103 -41.09 13.97 3.15
CA PHE F 103 -41.09 14.36 1.75
C PHE F 103 -42.22 15.36 1.51
N GLY F 104 -42.07 16.15 0.46
CA GLY F 104 -43.14 17.02 0.06
C GLY F 104 -44.14 16.31 -0.82
N GLN F 105 -45.29 16.93 -1.02
CA GLN F 105 -46.33 16.30 -1.81
C GLN F 105 -45.88 16.07 -3.24
N GLY F 106 -44.82 16.72 -3.67
CA GLY F 106 -44.26 16.53 -4.99
C GLY F 106 -44.90 17.46 -6.01
N THR F 107 -44.11 17.87 -6.98
CA THR F 107 -44.61 18.59 -8.15
C THR F 107 -44.51 17.67 -9.35
N LYS F 108 -45.61 17.50 -10.05
CA LYS F 108 -45.64 16.67 -11.25
C LYS F 108 -45.21 17.53 -12.42
N LEU F 109 -43.91 17.53 -12.68
CA LEU F 109 -43.34 18.27 -13.80
C LEU F 109 -43.76 17.57 -15.08
N ASP F 110 -44.59 18.25 -15.85
CA ASP F 110 -45.05 17.78 -17.13
C ASP F 110 -44.66 18.79 -18.19
N ILE F 111 -44.42 18.28 -19.39
CA ILE F 111 -43.93 19.10 -20.48
C ILE F 111 -45.10 19.42 -21.39
N LYS F 112 -45.05 20.59 -22.01
CA LYS F 112 -46.12 21.02 -22.89
C LYS F 112 -46.24 20.08 -24.07
#